data_2M01
#
_entry.id   2M01
#
_entity_poly.entity_id   1
_entity_poly.type   'polypeptide(L)'
_entity_poly.pdbx_seq_one_letter_code
;KKKCQLPSDVGKGKASFTRYYYNEESGKCETFIYGGVGGNSNNFLTKEDCCRECAQGSC
;
_entity_poly.pdbx_strand_id   A
#
# COMPACT_ATOMS: atom_id res chain seq x y z
N LYS A 1 11.64 -2.30 -8.89
CA LYS A 1 10.68 -1.76 -7.94
C LYS A 1 9.30 -1.61 -8.58
N LYS A 2 8.65 -2.74 -8.84
CA LYS A 2 7.33 -2.74 -9.46
C LYS A 2 6.24 -2.71 -8.39
N LYS A 3 6.63 -2.41 -7.16
CA LYS A 3 5.69 -2.34 -6.05
C LYS A 3 5.02 -0.97 -5.98
N CYS A 4 4.45 -0.55 -7.10
CA CYS A 4 3.78 0.75 -7.16
C CYS A 4 2.29 0.58 -7.47
N GLN A 5 1.94 -0.54 -8.10
CA GLN A 5 0.56 -0.81 -8.45
C GLN A 5 0.20 -2.27 -8.13
N LEU A 6 -0.15 -2.52 -6.87
CA LEU A 6 -0.51 -3.87 -6.45
C LEU A 6 -1.99 -3.94 -6.07
N PRO A 7 -2.56 -5.15 -6.14
CA PRO A 7 -3.97 -5.38 -5.81
C PRO A 7 -4.24 -5.23 -4.32
N SER A 8 -5.52 -5.11 -3.97
CA SER A 8 -5.92 -4.96 -2.58
C SER A 8 -5.92 -6.31 -1.86
N ASP A 9 -5.28 -6.36 -0.70
CA ASP A 9 -5.21 -7.59 0.09
C ASP A 9 -5.40 -7.29 1.57
N VAL A 10 -6.59 -7.59 2.08
CA VAL A 10 -6.90 -7.37 3.48
C VAL A 10 -6.65 -8.62 4.32
N GLY A 11 -6.87 -9.78 3.70
CA GLY A 11 -6.67 -11.03 4.39
C GLY A 11 -7.39 -11.08 5.73
N LYS A 12 -6.94 -11.96 6.61
CA LYS A 12 -7.54 -12.10 7.93
C LYS A 12 -6.54 -11.77 9.03
N GLY A 13 -7.05 -11.54 10.24
CA GLY A 13 -6.18 -11.21 11.36
C GLY A 13 -6.89 -10.39 12.42
N LYS A 14 -6.17 -10.04 13.47
CA LYS A 14 -6.72 -9.25 14.57
C LYS A 14 -6.07 -7.88 14.64
N ALA A 15 -5.47 -7.45 13.53
CA ALA A 15 -4.82 -6.15 13.46
C ALA A 15 -5.64 -5.16 12.63
N SER A 16 -6.91 -5.00 13.02
CA SER A 16 -7.79 -4.08 12.31
C SER A 16 -7.23 -2.66 12.31
N PHE A 17 -6.68 -2.26 11.17
CA PHE A 17 -6.10 -0.92 11.03
C PHE A 17 -6.04 -0.50 9.57
N THR A 18 -5.85 0.79 9.34
CA THR A 18 -5.77 1.32 7.98
C THR A 18 -4.35 1.73 7.63
N ARG A 19 -3.90 1.35 6.44
CA ARG A 19 -2.56 1.68 5.98
C ARG A 19 -2.60 2.43 4.65
N TYR A 20 -1.49 3.06 4.30
CA TYR A 20 -1.41 3.82 3.05
C TYR A 20 -0.78 2.97 1.95
N TYR A 21 -1.24 3.19 0.72
CA TYR A 21 -0.72 2.44 -0.43
C TYR A 21 -0.73 3.30 -1.69
N TYR A 22 0.32 3.21 -2.48
CA TYR A 22 0.43 3.97 -3.71
C TYR A 22 -0.02 3.15 -4.91
N ASN A 23 -0.65 3.82 -5.87
CA ASN A 23 -1.14 3.15 -7.07
C ASN A 23 -0.75 3.92 -8.32
N GLU A 24 -0.52 3.19 -9.42
CA GLU A 24 -0.13 3.82 -10.68
C GLU A 24 -1.36 4.26 -11.46
N GLU A 25 -1.20 4.39 -12.78
CA GLU A 25 -2.30 4.80 -13.65
C GLU A 25 -2.70 6.25 -13.35
N SER A 26 -1.90 6.92 -12.55
CA SER A 26 -2.17 8.31 -12.18
C SER A 26 -1.18 8.80 -11.14
N GLY A 27 -0.64 7.88 -10.35
CA GLY A 27 0.31 8.24 -9.32
C GLY A 27 -0.35 8.86 -8.11
N LYS A 28 -1.28 8.14 -7.50
CA LYS A 28 -1.99 8.62 -6.32
C LYS A 28 -1.87 7.64 -5.17
N CYS A 29 -2.21 8.10 -3.97
CA CYS A 29 -2.14 7.27 -2.78
C CYS A 29 -3.47 7.25 -2.04
N GLU A 30 -3.81 6.10 -1.46
CA GLU A 30 -5.06 5.95 -0.73
C GLU A 30 -4.85 5.13 0.54
N THR A 31 -5.95 4.84 1.24
CA THR A 31 -5.88 4.06 2.47
C THR A 31 -6.60 2.73 2.31
N PHE A 32 -6.04 1.68 2.91
CA PHE A 32 -6.64 0.35 2.84
C PHE A 32 -6.66 -0.31 4.21
N ILE A 33 -7.49 -1.34 4.35
CA ILE A 33 -7.60 -2.07 5.61
C ILE A 33 -6.64 -3.26 5.65
N TYR A 34 -5.76 -3.26 6.64
CA TYR A 34 -4.79 -4.35 6.79
C TYR A 34 -4.70 -4.80 8.24
N GLY A 35 -4.62 -6.11 8.44
CA GLY A 35 -4.52 -6.65 9.79
C GLY A 35 -4.33 -8.15 9.80
N GLY A 36 -3.12 -8.58 10.10
CA GLY A 36 -2.82 -10.01 10.15
C GLY A 36 -1.73 -10.40 9.16
N VAL A 37 -2.11 -11.17 8.14
CA VAL A 37 -1.15 -11.62 7.13
C VAL A 37 -0.91 -10.53 6.09
N GLY A 38 0.35 -10.18 5.89
CA GLY A 38 0.70 -9.16 4.92
C GLY A 38 0.43 -9.60 3.50
N GLY A 39 -0.22 -8.73 2.72
CA GLY A 39 -0.52 -9.06 1.34
C GLY A 39 0.05 -8.05 0.37
N ASN A 40 0.84 -8.53 -0.59
CA ASN A 40 1.46 -7.67 -1.58
C ASN A 40 2.20 -6.51 -0.92
N SER A 41 2.61 -5.54 -1.72
CA SER A 41 3.34 -4.39 -1.21
C SER A 41 2.44 -3.14 -1.22
N ASN A 42 1.13 -3.36 -1.25
CA ASN A 42 0.17 -2.26 -1.27
C ASN A 42 -0.25 -1.89 0.16
N ASN A 43 0.70 -1.92 1.08
CA ASN A 43 0.43 -1.59 2.47
C ASN A 43 1.64 -0.92 3.12
N PHE A 44 1.38 0.16 3.85
CA PHE A 44 2.44 0.90 4.53
C PHE A 44 1.93 1.57 5.79
N LEU A 45 2.61 1.35 6.90
CA LEU A 45 2.22 1.93 8.18
C LEU A 45 2.58 3.41 8.24
N THR A 46 3.13 3.92 7.14
CA THR A 46 3.51 5.32 7.06
C THR A 46 2.75 6.05 5.96
N LYS A 47 2.83 7.38 5.96
CA LYS A 47 2.14 8.19 4.96
C LYS A 47 3.08 8.54 3.81
N GLU A 48 4.09 9.34 4.11
CA GLU A 48 5.06 9.77 3.11
C GLU A 48 5.68 8.55 2.41
N ASP A 49 6.02 7.54 3.19
CA ASP A 49 6.61 6.32 2.65
C ASP A 49 5.79 5.79 1.48
N CYS A 50 4.49 6.05 1.51
CA CYS A 50 3.60 5.59 0.45
C CYS A 50 4.20 5.90 -0.93
N CYS A 51 4.55 7.15 -1.15
CA CYS A 51 5.13 7.57 -2.42
C CYS A 51 6.44 6.84 -2.69
N ARG A 52 7.21 6.60 -1.63
CA ARG A 52 8.48 5.91 -1.76
C ARG A 52 8.34 4.66 -2.63
N GLU A 53 7.22 3.97 -2.50
CA GLU A 53 6.96 2.77 -3.29
C GLU A 53 7.16 3.04 -4.79
N CYS A 54 6.58 4.14 -5.25
CA CYS A 54 6.68 4.51 -6.66
C CYS A 54 7.76 5.58 -6.86
N ALA A 55 8.29 6.10 -5.76
CA ALA A 55 9.32 7.12 -5.81
C ALA A 55 10.58 6.60 -6.47
N GLN A 56 10.68 5.28 -6.60
CA GLN A 56 11.84 4.65 -7.22
C GLN A 56 11.66 4.54 -8.73
N GLY A 57 10.48 4.95 -9.21
CA GLY A 57 10.21 4.89 -10.63
C GLY A 57 9.68 6.20 -11.17
N SER A 58 8.44 6.53 -10.83
CA SER A 58 7.81 7.76 -11.29
C SER A 58 7.77 8.80 -10.17
N CYS A 59 7.00 8.49 -9.13
CA CYS A 59 6.88 9.41 -8.00
C CYS A 59 8.24 9.95 -7.57
N LYS A 1 11.03 -2.52 -6.13
CA LYS A 1 10.40 -2.07 -7.37
C LYS A 1 9.18 -2.93 -7.70
N LYS A 2 8.34 -2.43 -8.60
CA LYS A 2 7.14 -3.15 -9.00
C LYS A 2 6.16 -3.27 -7.84
N LYS A 3 6.43 -2.53 -6.77
CA LYS A 3 5.57 -2.56 -5.59
C LYS A 3 4.57 -1.41 -5.61
N CYS A 4 4.74 -0.51 -6.57
CA CYS A 4 3.85 0.64 -6.71
C CYS A 4 2.66 0.31 -7.61
N GLN A 5 2.51 -0.97 -7.91
CA GLN A 5 1.40 -1.42 -8.76
C GLN A 5 0.84 -2.75 -8.27
N LEU A 6 0.30 -2.73 -7.04
CA LEU A 6 -0.27 -3.94 -6.46
C LEU A 6 -1.77 -3.76 -6.22
N PRO A 7 -2.52 -4.86 -6.37
CA PRO A 7 -3.97 -4.85 -6.17
C PRO A 7 -4.37 -4.67 -4.71
N SER A 8 -5.66 -4.47 -4.47
CA SER A 8 -6.15 -4.28 -3.11
C SER A 8 -6.35 -5.63 -2.41
N ASP A 9 -6.40 -5.59 -1.08
CA ASP A 9 -6.60 -6.81 -0.29
C ASP A 9 -6.68 -6.48 1.19
N VAL A 10 -7.75 -6.95 1.83
CA VAL A 10 -7.96 -6.71 3.26
C VAL A 10 -7.74 -7.99 4.07
N GLY A 11 -8.06 -9.13 3.46
CA GLY A 11 -7.90 -10.40 4.14
C GLY A 11 -8.59 -10.43 5.49
N LYS A 12 -8.30 -11.46 6.28
CA LYS A 12 -8.90 -11.60 7.60
C LYS A 12 -7.83 -11.60 8.68
N GLY A 13 -8.25 -11.42 9.92
CA GLY A 13 -7.31 -11.39 11.03
C GLY A 13 -7.91 -10.79 12.28
N LYS A 14 -7.09 -10.67 13.33
CA LYS A 14 -7.54 -10.10 14.60
C LYS A 14 -7.31 -8.59 14.61
N ALA A 15 -6.54 -8.09 13.65
CA ALA A 15 -6.25 -6.67 13.57
C ALA A 15 -7.31 -5.93 12.76
N SER A 16 -7.10 -4.65 12.54
CA SER A 16 -8.04 -3.83 11.78
C SER A 16 -7.53 -2.41 11.63
N PHE A 17 -6.25 -2.27 11.26
CA PHE A 17 -5.63 -0.97 11.09
C PHE A 17 -5.60 -0.58 9.61
N THR A 18 -5.41 0.71 9.36
CA THR A 18 -5.36 1.21 7.98
C THR A 18 -3.93 1.60 7.60
N ARG A 19 -3.50 1.16 6.42
CA ARG A 19 -2.16 1.46 5.93
C ARG A 19 -2.22 2.30 4.65
N TYR A 20 -1.17 3.09 4.42
CA TYR A 20 -1.11 3.94 3.24
C TYR A 20 -0.16 3.37 2.20
N TYR A 21 -0.41 3.68 0.94
CA TYR A 21 0.43 3.20 -0.15
C TYR A 21 0.05 3.87 -1.46
N TYR A 22 0.98 3.87 -2.41
CA TYR A 22 0.74 4.48 -3.72
C TYR A 22 0.30 3.43 -4.73
N ASN A 23 -0.60 3.82 -5.62
CA ASN A 23 -1.12 2.92 -6.65
C ASN A 23 -0.85 3.49 -8.05
N GLU A 24 -0.20 2.69 -8.89
CA GLU A 24 0.11 3.10 -10.24
C GLU A 24 -1.11 2.99 -11.14
N GLU A 25 -1.95 1.99 -10.87
CA GLU A 25 -3.16 1.78 -11.66
C GLU A 25 -3.89 3.10 -11.91
N SER A 26 -3.82 3.99 -10.93
CA SER A 26 -4.48 5.29 -11.05
C SER A 26 -3.48 6.43 -10.85
N GLY A 27 -2.27 6.08 -10.43
CA GLY A 27 -1.24 7.07 -10.20
C GLY A 27 -1.55 7.96 -9.01
N LYS A 28 -2.30 7.42 -8.05
CA LYS A 28 -2.65 8.18 -6.85
C LYS A 28 -2.33 7.38 -5.60
N CYS A 29 -2.48 8.02 -4.44
CA CYS A 29 -2.21 7.37 -3.17
C CYS A 29 -3.47 7.26 -2.32
N GLU A 30 -3.54 6.21 -1.51
CA GLU A 30 -4.71 5.98 -0.67
C GLU A 30 -4.37 5.04 0.50
N THR A 31 -5.37 4.69 1.28
CA THR A 31 -5.17 3.79 2.42
C THR A 31 -6.13 2.61 2.36
N PHE A 32 -5.77 1.54 3.06
CA PHE A 32 -6.59 0.33 3.09
C PHE A 32 -6.49 -0.37 4.44
N ILE A 33 -7.54 -1.12 4.79
CA ILE A 33 -7.57 -1.84 6.06
C ILE A 33 -6.84 -3.17 5.94
N TYR A 34 -5.94 -3.44 6.88
CA TYR A 34 -5.18 -4.68 6.89
C TYR A 34 -5.33 -5.41 8.22
N GLY A 35 -5.33 -6.74 8.16
CA GLY A 35 -5.47 -7.53 9.38
C GLY A 35 -5.02 -8.97 9.18
N GLY A 36 -4.37 -9.52 10.19
CA GLY A 36 -3.89 -10.88 10.10
C GLY A 36 -2.98 -11.11 8.92
N VAL A 37 -3.54 -11.67 7.84
CA VAL A 37 -2.78 -11.93 6.64
C VAL A 37 -2.61 -10.67 5.79
N GLY A 38 -1.39 -10.45 5.29
CA GLY A 38 -1.13 -9.29 4.47
C GLY A 38 -1.20 -9.59 2.98
N GLY A 39 -2.11 -8.91 2.28
CA GLY A 39 -2.26 -9.13 0.85
C GLY A 39 -1.42 -8.17 0.03
N ASN A 40 -0.88 -8.65 -1.08
CA ASN A 40 -0.05 -7.82 -1.96
C ASN A 40 1.04 -7.12 -1.16
N SER A 41 1.69 -6.16 -1.81
CA SER A 41 2.76 -5.41 -1.16
C SER A 41 2.41 -3.92 -1.07
N ASN A 42 1.13 -3.61 -1.26
CA ASN A 42 0.66 -2.23 -1.20
C ASN A 42 0.21 -1.86 0.20
N ASN A 43 0.93 -2.36 1.20
CA ASN A 43 0.60 -2.08 2.59
C ASN A 43 1.82 -1.55 3.34
N PHE A 44 1.64 -0.41 4.00
CA PHE A 44 2.73 0.21 4.75
C PHE A 44 2.19 1.14 5.82
N LEU A 45 2.72 1.02 7.04
CA LEU A 45 2.29 1.85 8.15
C LEU A 45 2.82 3.27 8.02
N THR A 46 3.53 3.52 6.92
CA THR A 46 4.10 4.84 6.67
C THR A 46 3.23 5.65 5.71
N LYS A 47 3.28 6.97 5.85
CA LYS A 47 2.49 7.85 5.00
C LYS A 47 3.36 8.43 3.87
N GLU A 48 4.33 9.26 4.24
CA GLU A 48 5.22 9.87 3.27
C GLU A 48 5.83 8.83 2.35
N ASP A 49 6.23 7.70 2.93
CA ASP A 49 6.84 6.62 2.17
C ASP A 49 6.01 6.30 0.93
N CYS A 50 4.70 6.49 1.04
CA CYS A 50 3.80 6.22 -0.08
C CYS A 50 4.37 6.76 -1.39
N CYS A 51 4.64 8.06 -1.41
CA CYS A 51 5.19 8.70 -2.60
C CYS A 51 6.55 8.10 -2.96
N ARG A 52 7.34 7.78 -1.95
CA ARG A 52 8.65 7.20 -2.16
C ARG A 52 8.55 5.90 -2.95
N GLU A 53 7.53 5.11 -2.66
CA GLU A 53 7.31 3.85 -3.34
C GLU A 53 7.30 4.04 -4.86
N CYS A 54 6.85 5.20 -5.30
CA CYS A 54 6.78 5.52 -6.71
C CYS A 54 7.78 6.61 -7.09
N ALA A 55 8.36 7.24 -6.06
CA ALA A 55 9.34 8.30 -6.27
C ALA A 55 10.59 7.77 -6.97
N GLN A 56 10.73 6.45 -6.98
CA GLN A 56 11.89 5.81 -7.61
C GLN A 56 11.82 5.94 -9.13
N GLY A 57 10.61 6.07 -9.65
CA GLY A 57 10.43 6.21 -11.08
C GLY A 57 9.05 6.70 -11.46
N SER A 58 8.58 7.73 -10.77
CA SER A 58 7.26 8.30 -11.03
C SER A 58 7.01 9.52 -10.15
N CYS A 59 6.84 9.29 -8.85
CA CYS A 59 6.59 10.37 -7.91
C CYS A 59 7.73 11.39 -7.94
N LYS A 1 10.09 -0.51 -11.42
CA LYS A 1 9.36 -0.03 -10.25
C LYS A 1 7.89 -0.42 -10.33
N LYS A 2 7.63 -1.72 -10.42
CA LYS A 2 6.26 -2.23 -10.51
C LYS A 2 5.71 -2.54 -9.12
N LYS A 3 6.49 -2.22 -8.09
CA LYS A 3 6.07 -2.46 -6.72
C LYS A 3 5.20 -1.32 -6.22
N CYS A 4 5.20 -0.21 -6.93
CA CYS A 4 4.40 0.95 -6.56
C CYS A 4 3.03 0.91 -7.21
N GLN A 5 2.61 -0.29 -7.63
CA GLN A 5 1.32 -0.46 -8.27
C GLN A 5 0.77 -1.86 -7.99
N LEU A 6 0.49 -2.14 -6.72
CA LEU A 6 -0.04 -3.44 -6.31
C LEU A 6 -1.43 -3.28 -5.70
N PRO A 7 -2.22 -4.36 -5.76
CA PRO A 7 -3.58 -4.38 -5.21
C PRO A 7 -3.59 -4.32 -3.68
N SER A 8 -4.76 -4.56 -3.09
CA SER A 8 -4.90 -4.53 -1.64
C SER A 8 -5.12 -5.94 -1.09
N ASP A 9 -5.40 -6.02 0.20
CA ASP A 9 -5.62 -7.31 0.85
C ASP A 9 -5.93 -7.13 2.34
N VAL A 10 -7.15 -7.45 2.73
CA VAL A 10 -7.57 -7.32 4.12
C VAL A 10 -7.21 -8.56 4.92
N GLY A 11 -7.26 -9.72 4.26
CA GLY A 11 -6.95 -10.97 4.93
C GLY A 11 -7.69 -11.13 6.24
N LYS A 12 -7.20 -12.03 7.09
CA LYS A 12 -7.82 -12.28 8.39
C LYS A 12 -7.05 -11.58 9.50
N GLY A 13 -7.49 -11.78 10.73
CA GLY A 13 -6.84 -11.16 11.88
C GLY A 13 -7.81 -10.38 12.75
N LYS A 14 -7.51 -10.33 14.04
CA LYS A 14 -8.36 -9.61 14.98
C LYS A 14 -7.80 -8.22 15.26
N ALA A 15 -7.22 -7.60 14.24
CA ALA A 15 -6.64 -6.27 14.37
C ALA A 15 -7.42 -5.25 13.53
N SER A 16 -7.46 -4.01 14.00
CA SER A 16 -8.16 -2.95 13.30
C SER A 16 -7.25 -1.75 13.06
N PHE A 17 -6.77 -1.61 11.84
CA PHE A 17 -5.89 -0.50 11.48
C PHE A 17 -6.00 -0.17 9.99
N THR A 18 -5.58 1.03 9.63
CA THR A 18 -5.64 1.48 8.24
C THR A 18 -4.24 1.59 7.64
N ARG A 19 -4.09 1.11 6.41
CA ARG A 19 -2.81 1.14 5.72
C ARG A 19 -2.91 1.97 4.45
N TYR A 20 -1.75 2.24 3.84
CA TYR A 20 -1.70 3.03 2.61
C TYR A 20 -0.79 2.38 1.58
N TYR A 21 -0.96 2.76 0.32
CA TYR A 21 -0.16 2.21 -0.76
C TYR A 21 -0.23 3.10 -2.00
N TYR A 22 0.89 3.19 -2.72
CA TYR A 22 0.95 4.02 -3.93
C TYR A 22 0.55 3.20 -5.16
N ASN A 23 -0.16 3.86 -6.07
CA ASN A 23 -0.60 3.19 -7.30
C ASN A 23 -0.19 3.99 -8.52
N GLU A 24 0.69 3.40 -9.34
CA GLU A 24 1.18 4.06 -10.55
C GLU A 24 0.05 4.22 -11.56
N GLU A 25 -0.89 3.28 -11.56
CA GLU A 25 -2.01 3.31 -12.48
C GLU A 25 -2.58 4.73 -12.58
N SER A 26 -2.58 5.45 -11.47
CA SER A 26 -3.09 6.81 -11.43
C SER A 26 -2.04 7.77 -10.89
N GLY A 27 -0.92 7.22 -10.43
CA GLY A 27 0.14 8.04 -9.88
C GLY A 27 -0.25 8.71 -8.58
N LYS A 28 -1.16 8.08 -7.85
CA LYS A 28 -1.62 8.61 -6.56
C LYS A 28 -1.47 7.57 -5.46
N CYS A 29 -1.94 7.91 -4.26
CA CYS A 29 -1.86 7.02 -3.12
C CYS A 29 -3.26 6.58 -2.68
N GLU A 30 -3.33 5.43 -2.02
CA GLU A 30 -4.60 4.90 -1.54
C GLU A 30 -4.47 4.35 -0.13
N THR A 31 -5.56 3.80 0.40
CA THR A 31 -5.57 3.25 1.75
C THR A 31 -6.71 2.26 1.94
N PHE A 32 -6.61 1.44 2.98
CA PHE A 32 -7.63 0.45 3.26
C PHE A 32 -7.57 0.00 4.71
N ILE A 33 -8.44 -0.94 5.08
CA ILE A 33 -8.48 -1.46 6.45
C ILE A 33 -7.70 -2.76 6.57
N TYR A 34 -6.56 -2.69 7.25
CA TYR A 34 -5.72 -3.87 7.44
C TYR A 34 -6.03 -4.55 8.76
N GLY A 35 -5.89 -5.88 8.79
CA GLY A 35 -6.17 -6.64 9.99
C GLY A 35 -4.95 -7.36 10.51
N GLY A 36 -4.76 -8.60 10.05
CA GLY A 36 -3.62 -9.38 10.49
C GLY A 36 -2.77 -9.87 9.33
N VAL A 37 -3.40 -10.08 8.18
CA VAL A 37 -2.69 -10.54 7.00
C VAL A 37 -2.74 -9.50 5.89
N GLY A 38 -1.58 -9.23 5.29
CA GLY A 38 -1.52 -8.24 4.22
C GLY A 38 -1.07 -8.85 2.91
N GLY A 39 -1.51 -8.26 1.80
CA GLY A 39 -1.15 -8.78 0.49
C GLY A 39 -0.22 -7.83 -0.26
N ASN A 40 0.57 -8.38 -1.17
CA ASN A 40 1.50 -7.58 -1.96
C ASN A 40 2.33 -6.67 -1.05
N SER A 41 3.04 -5.73 -1.66
CA SER A 41 3.89 -4.81 -0.92
C SER A 41 3.13 -3.54 -0.55
N ASN A 42 1.91 -3.42 -1.07
CA ASN A 42 1.08 -2.25 -0.82
C ASN A 42 1.00 -1.97 0.69
N ASN A 43 0.92 -3.02 1.48
CA ASN A 43 0.84 -2.89 2.93
C ASN A 43 1.93 -1.96 3.45
N PHE A 44 1.51 -0.84 4.05
CA PHE A 44 2.45 0.14 4.59
C PHE A 44 1.79 0.98 5.68
N LEU A 45 2.25 0.80 6.91
CA LEU A 45 1.70 1.55 8.04
C LEU A 45 2.21 2.99 8.04
N THR A 46 2.99 3.33 7.02
CA THR A 46 3.53 4.68 6.90
C THR A 46 2.78 5.48 5.84
N LYS A 47 2.87 6.80 5.92
CA LYS A 47 2.21 7.68 4.96
C LYS A 47 3.18 8.14 3.88
N GLU A 48 4.17 8.93 4.28
CA GLU A 48 5.16 9.43 3.34
C GLU A 48 5.79 8.30 2.55
N ASP A 49 6.14 7.22 3.23
CA ASP A 49 6.74 6.06 2.59
C ASP A 49 5.97 5.66 1.35
N CYS A 50 4.65 5.87 1.38
CA CYS A 50 3.79 5.53 0.25
C CYS A 50 4.43 5.96 -1.07
N CYS A 51 4.75 7.24 -1.19
CA CYS A 51 5.36 7.77 -2.39
C CYS A 51 6.69 7.08 -2.67
N ARG A 52 7.45 6.80 -1.62
CA ARG A 52 8.74 6.15 -1.76
C ARG A 52 8.64 4.95 -2.70
N GLU A 53 7.53 4.21 -2.60
CA GLU A 53 7.32 3.04 -3.45
C GLU A 53 7.50 3.40 -4.92
N CYS A 54 6.89 4.51 -5.34
CA CYS A 54 6.97 4.95 -6.72
C CYS A 54 7.97 6.10 -6.86
N ALA A 55 8.61 6.46 -5.75
CA ALA A 55 9.58 7.54 -5.75
C ALA A 55 10.89 7.10 -6.41
N GLN A 56 11.01 5.80 -6.67
CA GLN A 56 12.20 5.26 -7.29
C GLN A 56 12.07 5.25 -8.81
N GLY A 57 10.89 5.58 -9.30
CA GLY A 57 10.65 5.61 -10.74
C GLY A 57 9.98 6.89 -11.19
N SER A 58 8.79 7.14 -10.68
CA SER A 58 8.03 8.34 -11.03
C SER A 58 8.12 9.38 -9.93
N CYS A 59 7.40 9.14 -8.84
CA CYS A 59 7.39 10.06 -7.71
C CYS A 59 8.81 10.51 -7.36
N LYS A 1 9.01 -6.08 -6.72
CA LYS A 1 9.10 -4.92 -7.62
C LYS A 1 7.71 -4.47 -8.06
N LYS A 2 7.64 -3.29 -8.66
CA LYS A 2 6.38 -2.73 -9.13
C LYS A 2 5.40 -2.56 -7.98
N LYS A 3 5.93 -2.56 -6.76
CA LYS A 3 5.09 -2.39 -5.56
C LYS A 3 4.24 -1.14 -5.67
N CYS A 4 4.69 -0.18 -6.49
CA CYS A 4 3.96 1.07 -6.68
C CYS A 4 2.52 0.80 -7.12
N GLN A 5 2.31 -0.36 -7.74
CA GLN A 5 0.99 -0.73 -8.22
C GLN A 5 0.68 -2.19 -7.88
N LEU A 6 0.22 -2.42 -6.65
CA LEU A 6 -0.12 -3.76 -6.20
C LEU A 6 -1.57 -3.84 -5.74
N PRO A 7 -2.19 -5.01 -5.95
CA PRO A 7 -3.59 -5.24 -5.57
C PRO A 7 -3.77 -5.30 -4.05
N SER A 8 -4.76 -4.58 -3.55
CA SER A 8 -5.04 -4.54 -2.12
C SER A 8 -5.47 -5.91 -1.62
N ASP A 9 -4.81 -6.40 -0.57
CA ASP A 9 -5.13 -7.70 0.00
C ASP A 9 -5.26 -7.61 1.52
N VAL A 10 -6.49 -7.52 1.99
CA VAL A 10 -6.75 -7.42 3.42
C VAL A 10 -6.32 -8.70 4.15
N GLY A 11 -6.41 -9.83 3.46
CA GLY A 11 -6.02 -11.10 4.05
C GLY A 11 -6.76 -11.38 5.35
N LYS A 12 -6.17 -12.23 6.18
CA LYS A 12 -6.77 -12.58 7.46
C LYS A 12 -5.91 -12.08 8.63
N GLY A 13 -6.48 -12.09 9.82
CA GLY A 13 -5.75 -11.63 10.99
C GLY A 13 -6.68 -11.10 12.08
N LYS A 14 -6.09 -10.72 13.21
CA LYS A 14 -6.86 -10.19 14.33
C LYS A 14 -6.89 -8.66 14.30
N ALA A 15 -6.00 -8.07 13.51
CA ALA A 15 -5.92 -6.62 13.39
C ALA A 15 -6.98 -6.09 12.44
N SER A 16 -6.96 -4.78 12.21
CA SER A 16 -7.93 -4.15 11.31
C SER A 16 -7.67 -2.65 11.22
N PHE A 17 -6.40 -2.28 11.06
CA PHE A 17 -6.02 -0.88 10.96
C PHE A 17 -5.90 -0.45 9.50
N THR A 18 -6.14 0.82 9.24
CA THR A 18 -6.07 1.35 7.89
C THR A 18 -4.70 1.96 7.60
N ARG A 19 -4.14 1.65 6.44
CA ARG A 19 -2.83 2.16 6.06
C ARG A 19 -2.89 2.81 4.68
N TYR A 20 -1.87 3.61 4.36
CA TYR A 20 -1.81 4.30 3.08
C TYR A 20 -0.99 3.50 2.07
N TYR A 21 -1.31 3.66 0.79
CA TYR A 21 -0.61 2.95 -0.26
C TYR A 21 -0.61 3.77 -1.56
N TYR A 22 0.45 3.64 -2.33
CA TYR A 22 0.58 4.35 -3.59
C TYR A 22 0.12 3.49 -4.76
N ASN A 23 -0.51 4.12 -5.76
CA ASN A 23 -1.00 3.41 -6.93
C ASN A 23 -0.68 4.18 -8.20
N GLU A 24 -0.42 3.46 -9.28
CA GLU A 24 -0.11 4.07 -10.56
C GLU A 24 -1.39 4.46 -11.32
N GLU A 25 -1.28 4.54 -12.64
CA GLU A 25 -2.43 4.91 -13.47
C GLU A 25 -2.85 6.35 -13.22
N SER A 26 -2.04 7.08 -12.46
CA SER A 26 -2.33 8.47 -12.15
C SER A 26 -1.33 9.02 -11.12
N GLY A 27 -0.77 8.12 -10.32
CA GLY A 27 0.19 8.53 -9.31
C GLY A 27 -0.48 9.16 -8.10
N LYS A 28 -1.41 8.44 -7.50
CA LYS A 28 -2.13 8.94 -6.33
C LYS A 28 -2.03 7.94 -5.17
N CYS A 29 -2.40 8.39 -3.98
CA CYS A 29 -2.36 7.54 -2.79
C CYS A 29 -3.75 7.33 -2.22
N GLU A 30 -3.95 6.19 -1.56
CA GLU A 30 -5.25 5.87 -0.97
C GLU A 30 -5.06 5.15 0.37
N THR A 31 -6.19 4.71 0.95
CA THR A 31 -6.14 4.02 2.22
C THR A 31 -6.79 2.63 2.11
N PHE A 32 -6.21 1.65 2.80
CA PHE A 32 -6.73 0.29 2.77
C PHE A 32 -6.68 -0.34 4.16
N ILE A 33 -7.46 -1.40 4.36
CA ILE A 33 -7.49 -2.09 5.63
C ILE A 33 -6.48 -3.23 5.67
N TYR A 34 -5.80 -3.37 6.81
CA TYR A 34 -4.79 -4.41 6.97
C TYR A 34 -5.03 -5.19 8.26
N GLY A 35 -4.40 -6.36 8.37
CA GLY A 35 -4.56 -7.18 9.55
C GLY A 35 -3.87 -8.52 9.42
N GLY A 36 -3.08 -8.89 10.42
CA GLY A 36 -2.38 -10.16 10.39
C GLY A 36 -1.59 -10.35 9.12
N VAL A 37 -2.02 -11.30 8.30
CA VAL A 37 -1.35 -11.59 7.04
C VAL A 37 -1.99 -10.82 5.88
N GLY A 38 -1.15 -10.14 5.11
CA GLY A 38 -1.65 -9.36 3.99
C GLY A 38 -0.94 -9.69 2.68
N GLY A 39 -1.65 -9.56 1.57
CA GLY A 39 -1.06 -9.86 0.28
C GLY A 39 -0.21 -8.72 -0.25
N ASN A 40 1.02 -9.03 -0.63
CA ASN A 40 1.93 -8.02 -1.16
C ASN A 40 2.01 -6.82 -0.22
N SER A 41 2.64 -5.75 -0.69
CA SER A 41 2.78 -4.53 0.11
C SER A 41 1.54 -3.67 0.02
N ASN A 42 1.51 -2.77 -0.97
CA ASN A 42 0.37 -1.88 -1.17
C ASN A 42 -0.15 -1.37 0.18
N ASN A 43 0.75 -1.12 1.10
CA ASN A 43 0.38 -0.62 2.43
C ASN A 43 1.54 0.11 3.09
N PHE A 44 1.22 0.97 4.05
CA PHE A 44 2.25 1.72 4.75
C PHE A 44 1.66 2.40 5.99
N LEU A 45 2.26 2.13 7.15
CA LEU A 45 1.78 2.72 8.40
C LEU A 45 2.19 4.18 8.50
N THR A 46 2.83 4.69 7.45
CA THR A 46 3.26 6.08 7.42
C THR A 46 2.67 6.81 6.22
N LYS A 47 2.56 8.13 6.34
CA LYS A 47 2.00 8.95 5.26
C LYS A 47 3.03 9.16 4.16
N GLU A 48 4.11 9.87 4.50
CA GLU A 48 5.17 10.15 3.53
C GLU A 48 5.66 8.87 2.88
N ASP A 49 5.79 7.81 3.68
CA ASP A 49 6.26 6.53 3.18
C ASP A 49 5.46 6.10 1.96
N CYS A 50 4.22 6.55 1.87
CA CYS A 50 3.35 6.21 0.75
C CYS A 50 4.09 6.41 -0.58
N CYS A 51 4.65 7.59 -0.77
CA CYS A 51 5.38 7.90 -1.99
C CYS A 51 6.56 6.95 -2.17
N ARG A 52 7.22 6.61 -1.06
CA ARG A 52 8.37 5.72 -1.11
C ARG A 52 8.08 4.50 -1.99
N GLU A 53 6.85 4.01 -1.93
CA GLU A 53 6.45 2.85 -2.73
C GLU A 53 6.80 3.05 -4.20
N CYS A 54 6.46 4.23 -4.73
CA CYS A 54 6.74 4.55 -6.12
C CYS A 54 8.00 5.40 -6.23
N ALA A 55 8.49 5.89 -5.10
CA ALA A 55 9.69 6.71 -5.08
C ALA A 55 10.89 5.96 -5.64
N GLN A 56 10.81 4.63 -5.61
CA GLN A 56 11.89 3.79 -6.12
C GLN A 56 11.97 3.87 -7.64
N GLY A 57 10.90 4.35 -8.27
CA GLY A 57 10.87 4.46 -9.72
C GLY A 57 10.78 5.90 -10.18
N SER A 58 9.93 6.68 -9.51
CA SER A 58 9.75 8.09 -9.87
C SER A 58 8.90 8.81 -8.82
N CYS A 59 7.64 8.43 -8.73
CA CYS A 59 6.72 9.03 -7.76
C CYS A 59 6.62 10.54 -7.99
N LYS A 1 10.26 -1.53 -10.87
CA LYS A 1 9.62 -1.26 -9.59
C LYS A 1 8.11 -1.46 -9.68
N LYS A 2 7.69 -2.68 -9.96
CA LYS A 2 6.27 -3.01 -10.08
C LYS A 2 5.65 -3.26 -8.72
N LYS A 3 6.46 -3.13 -7.66
CA LYS A 3 6.00 -3.33 -6.30
C LYS A 3 5.23 -2.11 -5.80
N CYS A 4 5.55 -0.95 -6.36
CA CYS A 4 4.90 0.29 -5.96
C CYS A 4 3.52 0.41 -6.60
N GLN A 5 3.21 -0.51 -7.52
CA GLN A 5 1.93 -0.51 -8.20
C GLN A 5 1.15 -1.79 -7.89
N LEU A 6 0.75 -1.96 -6.64
CA LEU A 6 0.00 -3.13 -6.22
C LEU A 6 -1.43 -2.76 -5.86
N PRO A 7 -2.36 -3.71 -6.08
CA PRO A 7 -3.78 -3.52 -5.78
C PRO A 7 -4.06 -3.45 -4.28
N SER A 8 -5.34 -3.48 -3.92
CA SER A 8 -5.74 -3.41 -2.52
C SER A 8 -6.05 -4.81 -1.98
N ASP A 9 -6.07 -4.93 -0.66
CA ASP A 9 -6.35 -6.21 -0.01
C ASP A 9 -6.39 -6.06 1.51
N VAL A 10 -7.52 -6.46 2.11
CA VAL A 10 -7.68 -6.37 3.55
C VAL A 10 -7.50 -7.73 4.22
N GLY A 11 -7.90 -8.78 3.51
CA GLY A 11 -7.77 -10.12 4.04
C GLY A 11 -8.37 -10.25 5.42
N LYS A 12 -7.91 -11.26 6.18
CA LYS A 12 -8.41 -11.50 7.53
C LYS A 12 -7.28 -11.40 8.55
N GLY A 13 -7.64 -11.12 9.79
CA GLY A 13 -6.64 -11.01 10.85
C GLY A 13 -7.21 -10.42 12.12
N LYS A 14 -6.34 -10.16 13.10
CA LYS A 14 -6.75 -9.60 14.37
C LYS A 14 -6.43 -8.10 14.43
N ALA A 15 -5.60 -7.64 13.51
CA ALA A 15 -5.23 -6.24 13.45
C ALA A 15 -6.36 -5.38 12.90
N SER A 16 -6.38 -4.12 13.30
CA SER A 16 -7.42 -3.19 12.85
C SER A 16 -6.82 -1.84 12.48
N PHE A 17 -5.63 -1.87 11.89
CA PHE A 17 -4.95 -0.65 11.48
C PHE A 17 -5.05 -0.43 9.97
N THR A 18 -5.21 0.82 9.57
CA THR A 18 -5.34 1.16 8.15
C THR A 18 -3.97 1.48 7.55
N ARG A 19 -3.72 0.93 6.37
CA ARG A 19 -2.44 1.15 5.69
C ARG A 19 -2.67 1.88 4.37
N TYR A 20 -1.61 2.49 3.85
CA TYR A 20 -1.68 3.23 2.60
C TYR A 20 -1.13 2.40 1.44
N TYR A 21 -1.66 2.64 0.24
CA TYR A 21 -1.22 1.91 -0.94
C TYR A 21 -1.01 2.86 -2.11
N TYR A 22 -0.08 2.52 -2.98
CA TYR A 22 0.23 3.34 -4.15
C TYR A 22 -0.06 2.58 -5.44
N ASN A 23 -0.65 3.28 -6.41
CA ASN A 23 -0.98 2.67 -7.69
C ASN A 23 -0.55 3.56 -8.84
N GLU A 24 -0.15 2.95 -9.95
CA GLU A 24 0.29 3.69 -11.13
C GLU A 24 -0.90 4.02 -12.03
N GLU A 25 -0.62 4.24 -13.31
CA GLU A 25 -1.66 4.57 -14.28
C GLU A 25 -2.29 5.92 -13.96
N SER A 26 -1.68 6.66 -13.05
CA SER A 26 -2.18 7.96 -12.65
C SER A 26 -1.37 8.53 -11.48
N GLY A 27 -0.78 7.64 -10.69
CA GLY A 27 0.01 8.06 -9.55
C GLY A 27 -0.85 8.49 -8.38
N LYS A 28 -1.73 7.61 -7.93
CA LYS A 28 -2.61 7.91 -6.82
C LYS A 28 -2.36 6.96 -5.64
N CYS A 29 -2.93 7.27 -4.49
CA CYS A 29 -2.76 6.44 -3.31
C CYS A 29 -4.12 6.13 -2.66
N GLU A 30 -4.17 5.02 -1.94
CA GLU A 30 -5.40 4.60 -1.28
C GLU A 30 -5.14 4.27 0.19
N THR A 31 -6.19 3.81 0.88
CA THR A 31 -6.07 3.45 2.29
C THR A 31 -7.17 2.48 2.70
N PHE A 32 -6.79 1.46 3.46
CA PHE A 32 -7.75 0.46 3.92
C PHE A 32 -7.21 -0.29 5.13
N ILE A 33 -8.11 -0.99 5.84
CA ILE A 33 -7.72 -1.74 7.02
C ILE A 33 -6.84 -2.94 6.65
N TYR A 34 -5.96 -3.32 7.56
CA TYR A 34 -5.07 -4.45 7.33
C TYR A 34 -4.78 -5.19 8.63
N GLY A 35 -4.57 -6.50 8.52
CA GLY A 35 -4.29 -7.31 9.70
C GLY A 35 -4.29 -8.79 9.39
N GLY A 36 -3.46 -9.54 10.12
CA GLY A 36 -3.39 -10.97 9.91
C GLY A 36 -2.39 -11.34 8.84
N VAL A 37 -2.88 -11.80 7.69
CA VAL A 37 -2.03 -12.19 6.58
C VAL A 37 -1.55 -10.97 5.79
N GLY A 38 -0.33 -11.04 5.29
CA GLY A 38 0.23 -9.93 4.52
C GLY A 38 -0.37 -9.82 3.14
N GLY A 39 -0.62 -8.60 2.69
CA GLY A 39 -1.20 -8.39 1.38
C GLY A 39 -0.32 -7.52 0.49
N ASN A 40 -0.15 -7.92 -0.76
CA ASN A 40 0.66 -7.18 -1.71
C ASN A 40 1.99 -6.77 -1.07
N SER A 41 2.64 -5.77 -1.66
CA SER A 41 3.92 -5.29 -1.16
C SER A 41 3.85 -3.80 -0.84
N ASN A 42 2.70 -3.19 -1.09
CA ASN A 42 2.50 -1.77 -0.83
C ASN A 42 1.89 -1.54 0.55
N ASN A 43 2.22 -2.43 1.48
CA ASN A 43 1.70 -2.33 2.84
C ASN A 43 2.63 -1.49 3.72
N PHE A 44 2.11 -0.38 4.23
CA PHE A 44 2.90 0.51 5.08
C PHE A 44 1.99 1.32 5.99
N LEU A 45 2.27 1.30 7.29
CA LEU A 45 1.49 2.04 8.27
C LEU A 45 1.81 3.53 8.21
N THR A 46 2.69 3.91 7.28
CA THR A 46 3.08 5.30 7.14
C THR A 46 2.20 6.01 6.10
N LYS A 47 2.28 7.33 6.09
CA LYS A 47 1.49 8.13 5.15
C LYS A 47 2.34 8.55 3.95
N GLU A 48 3.28 9.47 4.18
CA GLU A 48 4.15 9.95 3.12
C GLU A 48 4.84 8.79 2.42
N ASP A 49 5.23 7.78 3.19
CA ASP A 49 5.90 6.61 2.64
C ASP A 49 5.20 6.12 1.38
N CYS A 50 3.87 6.22 1.37
CA CYS A 50 3.08 5.79 0.22
C CYS A 50 3.73 6.23 -1.09
N CYS A 51 3.90 7.53 -1.25
CA CYS A 51 4.52 8.08 -2.46
C CYS A 51 5.94 7.57 -2.62
N ARG A 52 6.65 7.43 -1.50
CA ARG A 52 8.04 6.96 -1.53
C ARG A 52 8.12 5.57 -2.16
N GLU A 53 7.12 4.74 -1.87
CA GLU A 53 7.08 3.38 -2.41
C GLU A 53 7.20 3.40 -3.93
N CYS A 54 6.70 4.45 -4.56
CA CYS A 54 6.75 4.59 -6.01
C CYS A 54 7.67 5.74 -6.41
N ALA A 55 8.06 6.55 -5.43
CA ALA A 55 8.94 7.68 -5.68
C ALA A 55 10.29 7.21 -6.24
N GLN A 56 10.58 5.94 -6.06
CA GLN A 56 11.84 5.36 -6.55
C GLN A 56 11.84 5.27 -8.07
N GLY A 57 10.66 5.27 -8.66
CA GLY A 57 10.55 5.19 -10.11
C GLY A 57 9.18 5.63 -10.61
N SER A 58 8.69 6.74 -10.08
CA SER A 58 7.38 7.27 -10.48
C SER A 58 7.09 8.58 -9.77
N CYS A 59 6.84 8.49 -8.46
CA CYS A 59 6.54 9.68 -7.65
C CYS A 59 7.81 10.49 -7.39
N LYS A 1 11.11 -3.99 -8.14
CA LYS A 1 10.47 -2.95 -8.93
C LYS A 1 9.00 -3.27 -9.16
N LYS A 2 8.24 -2.28 -9.61
CA LYS A 2 6.82 -2.46 -9.88
C LYS A 2 6.06 -2.77 -8.58
N LYS A 3 6.71 -2.56 -7.45
CA LYS A 3 6.10 -2.82 -6.16
C LYS A 3 4.97 -1.83 -5.87
N CYS A 4 5.16 -0.59 -6.32
CA CYS A 4 4.17 0.45 -6.10
C CYS A 4 2.92 0.18 -6.94
N GLN A 5 3.02 -0.77 -7.87
CA GLN A 5 1.90 -1.13 -8.73
C GLN A 5 1.26 -2.43 -8.27
N LEU A 6 0.78 -2.45 -7.03
CA LEU A 6 0.14 -3.64 -6.47
C LEU A 6 -1.30 -3.33 -6.05
N PRO A 7 -2.16 -4.34 -6.14
CA PRO A 7 -3.58 -4.20 -5.78
C PRO A 7 -3.78 -4.03 -4.27
N SER A 8 -5.02 -4.13 -3.83
CA SER A 8 -5.35 -3.98 -2.42
C SER A 8 -5.32 -5.33 -1.71
N ASP A 9 -5.72 -5.34 -0.44
CA ASP A 9 -5.74 -6.56 0.35
C ASP A 9 -6.21 -6.28 1.77
N VAL A 10 -7.20 -7.05 2.22
CA VAL A 10 -7.74 -6.89 3.57
C VAL A 10 -7.36 -8.07 4.47
N GLY A 11 -7.20 -9.24 3.85
CA GLY A 11 -6.85 -10.43 4.60
C GLY A 11 -7.86 -10.75 5.68
N LYS A 12 -7.48 -11.63 6.60
CA LYS A 12 -8.35 -12.03 7.70
C LYS A 12 -7.63 -11.89 9.04
N GLY A 13 -8.30 -12.33 10.11
CA GLY A 13 -7.71 -12.25 11.43
C GLY A 13 -8.27 -11.10 12.25
N LYS A 14 -7.40 -10.44 13.00
CA LYS A 14 -7.81 -9.31 13.83
C LYS A 14 -7.67 -8.00 13.08
N ALA A 15 -7.67 -8.09 11.75
CA ALA A 15 -7.56 -6.90 10.91
C ALA A 15 -8.48 -5.78 11.40
N SER A 16 -7.92 -4.59 11.56
CA SER A 16 -8.69 -3.44 12.03
C SER A 16 -7.84 -2.17 12.02
N PHE A 17 -6.87 -2.13 11.11
CA PHE A 17 -5.99 -0.97 10.99
C PHE A 17 -5.95 -0.47 9.55
N THR A 18 -5.82 0.84 9.39
CA THR A 18 -5.78 1.45 8.06
C THR A 18 -4.34 1.75 7.65
N ARG A 19 -3.97 1.29 6.45
CA ARG A 19 -2.62 1.50 5.95
C ARG A 19 -2.65 2.23 4.60
N TYR A 20 -1.56 2.89 4.26
CA TYR A 20 -1.47 3.63 3.01
C TYR A 20 -0.82 2.78 1.92
N TYR A 21 -1.27 2.97 0.68
CA TYR A 21 -0.75 2.21 -0.45
C TYR A 21 -0.77 3.05 -1.72
N TYR A 22 0.30 2.97 -2.50
CA TYR A 22 0.39 3.72 -3.75
C TYR A 22 0.02 2.85 -4.94
N ASN A 23 -0.61 3.46 -5.94
CA ASN A 23 -1.03 2.75 -7.14
C ASN A 23 -0.68 3.54 -8.40
N GLU A 24 -0.39 2.82 -9.48
CA GLU A 24 -0.04 3.46 -10.75
C GLU A 24 -1.29 3.83 -11.53
N GLU A 25 -1.13 3.95 -12.85
CA GLU A 25 -2.25 4.30 -13.72
C GLU A 25 -2.73 5.72 -13.44
N SER A 26 -1.96 6.46 -12.64
CA SER A 26 -2.30 7.83 -12.30
C SER A 26 -1.35 8.38 -11.25
N GLY A 27 -0.77 7.49 -10.45
CA GLY A 27 0.15 7.90 -9.41
C GLY A 27 -0.55 8.51 -8.21
N LYS A 28 -1.45 7.74 -7.61
CA LYS A 28 -2.20 8.21 -6.44
C LYS A 28 -2.04 7.25 -5.27
N CYS A 29 -2.40 7.71 -4.08
CA CYS A 29 -2.31 6.89 -2.88
C CYS A 29 -3.61 6.90 -2.11
N GLU A 30 -3.96 5.76 -1.52
CA GLU A 30 -5.19 5.64 -0.75
C GLU A 30 -4.94 4.88 0.56
N THR A 31 -6.02 4.64 1.30
CA THR A 31 -5.92 3.93 2.57
C THR A 31 -6.88 2.74 2.61
N PHE A 32 -6.40 1.61 3.11
CA PHE A 32 -7.21 0.41 3.20
C PHE A 32 -7.03 -0.27 4.56
N ILE A 33 -7.93 -1.20 4.88
CA ILE A 33 -7.86 -1.93 6.15
C ILE A 33 -6.99 -3.16 6.03
N TYR A 34 -5.83 -3.14 6.68
CA TYR A 34 -4.91 -4.25 6.66
C TYR A 34 -5.19 -5.24 7.79
N GLY A 35 -4.69 -6.46 7.65
CA GLY A 35 -4.91 -7.47 8.66
C GLY A 35 -3.62 -8.12 9.11
N GLY A 36 -3.73 -9.16 9.95
CA GLY A 36 -2.57 -9.85 10.44
C GLY A 36 -1.97 -10.79 9.41
N VAL A 37 -2.68 -10.97 8.30
CA VAL A 37 -2.22 -11.85 7.23
C VAL A 37 -1.19 -11.15 6.35
N GLY A 38 -0.19 -11.90 5.89
CA GLY A 38 0.84 -11.33 5.04
C GLY A 38 0.27 -10.71 3.78
N GLY A 39 0.61 -9.45 3.55
CA GLY A 39 0.13 -8.75 2.38
C GLY A 39 1.26 -8.23 1.50
N ASN A 40 0.92 -7.80 0.29
CA ASN A 40 1.91 -7.27 -0.64
C ASN A 40 2.59 -6.03 -0.06
N SER A 41 3.43 -5.40 -0.88
CA SER A 41 4.15 -4.20 -0.45
C SER A 41 3.19 -3.02 -0.29
N ASN A 42 2.00 -3.15 -0.88
CA ASN A 42 1.00 -2.09 -0.80
C ASN A 42 0.72 -1.70 0.65
N ASN A 43 0.98 -2.63 1.56
CA ASN A 43 0.76 -2.39 2.99
C ASN A 43 1.87 -1.51 3.56
N PHE A 44 1.48 -0.40 4.17
CA PHE A 44 2.45 0.51 4.77
C PHE A 44 1.83 1.25 5.96
N LEU A 45 2.44 1.08 7.13
CA LEU A 45 1.96 1.73 8.35
C LEU A 45 2.33 3.21 8.36
N THR A 46 2.93 3.68 7.27
CA THR A 46 3.34 5.07 7.16
C THR A 46 2.61 5.76 6.01
N LYS A 47 2.48 7.08 6.11
CA LYS A 47 1.81 7.87 5.09
C LYS A 47 2.79 8.27 3.99
N GLU A 48 3.75 9.11 4.33
CA GLU A 48 4.75 9.58 3.37
C GLU A 48 5.41 8.39 2.67
N ASP A 49 5.73 7.36 3.44
CA ASP A 49 6.36 6.17 2.88
C ASP A 49 5.61 5.68 1.65
N CYS A 50 4.29 5.84 1.65
CA CYS A 50 3.46 5.42 0.54
C CYS A 50 4.10 5.82 -0.80
N CYS A 51 4.40 7.11 -0.94
CA CYS A 51 5.00 7.62 -2.16
C CYS A 51 6.34 6.93 -2.44
N ARG A 52 7.11 6.71 -1.38
CA ARG A 52 8.42 6.07 -1.49
C ARG A 52 8.31 4.80 -2.33
N GLU A 53 7.23 4.05 -2.14
CA GLU A 53 7.01 2.81 -2.87
C GLU A 53 7.18 3.03 -4.38
N CYS A 54 6.59 4.11 -4.88
CA CYS A 54 6.68 4.43 -6.30
C CYS A 54 7.76 5.47 -6.56
N ALA A 55 8.26 6.09 -5.48
CA ALA A 55 9.29 7.10 -5.59
C ALA A 55 10.58 6.51 -6.16
N GLN A 56 10.67 5.18 -6.17
CA GLN A 56 11.84 4.51 -6.69
C GLN A 56 11.93 4.63 -8.21
N GLY A 57 10.78 4.83 -8.85
CA GLY A 57 10.75 4.97 -10.29
C GLY A 57 9.44 5.53 -10.79
N SER A 58 8.95 6.58 -10.14
CA SER A 58 7.70 7.21 -10.51
C SER A 58 7.41 8.43 -9.65
N CYS A 59 7.09 8.18 -8.38
CA CYS A 59 6.80 9.25 -7.43
C CYS A 59 8.06 10.04 -7.10
N LYS A 1 9.92 -1.17 -11.12
CA LYS A 1 9.20 -0.79 -9.91
C LYS A 1 7.74 -1.22 -9.98
N LYS A 2 7.52 -2.48 -10.33
CA LYS A 2 6.17 -3.02 -10.42
C LYS A 2 5.56 -3.21 -9.05
N LYS A 3 6.38 -3.05 -8.01
CA LYS A 3 5.92 -3.19 -6.63
C LYS A 3 5.01 -2.04 -6.24
N CYS A 4 4.95 -1.02 -7.09
CA CYS A 4 4.11 0.15 -6.83
C CYS A 4 2.71 -0.05 -7.40
N GLN A 5 2.54 -1.11 -8.19
CA GLN A 5 1.25 -1.41 -8.79
C GLN A 5 0.78 -2.81 -8.42
N LEU A 6 0.33 -2.97 -7.18
CA LEU A 6 -0.14 -4.26 -6.70
C LEU A 6 -1.63 -4.22 -6.37
N PRO A 7 -2.29 -5.38 -6.39
CA PRO A 7 -3.71 -5.50 -6.09
C PRO A 7 -4.02 -5.24 -4.62
N SER A 8 -5.24 -5.58 -4.20
CA SER A 8 -5.66 -5.39 -2.82
C SER A 8 -5.74 -6.72 -2.09
N ASP A 9 -5.73 -6.65 -0.76
CA ASP A 9 -5.80 -7.86 0.06
C ASP A 9 -5.78 -7.50 1.55
N VAL A 10 -6.84 -7.87 2.26
CA VAL A 10 -6.94 -7.60 3.69
C VAL A 10 -6.73 -8.87 4.51
N GLY A 11 -7.18 -9.99 3.97
CA GLY A 11 -7.04 -11.26 4.66
C GLY A 11 -7.61 -11.21 6.06
N LYS A 12 -7.44 -12.31 6.81
CA LYS A 12 -7.95 -12.39 8.17
C LYS A 12 -6.95 -11.81 9.16
N GLY A 13 -7.43 -11.41 10.33
CA GLY A 13 -6.56 -10.85 11.35
C GLY A 13 -7.32 -10.02 12.37
N LYS A 14 -6.65 -9.66 13.45
CA LYS A 14 -7.26 -8.85 14.51
C LYS A 14 -6.78 -7.41 14.44
N ALA A 15 -5.72 -7.19 13.68
CA ALA A 15 -5.15 -5.84 13.54
C ALA A 15 -6.04 -4.98 12.66
N SER A 16 -7.00 -4.29 13.29
CA SER A 16 -7.92 -3.42 12.55
C SER A 16 -7.32 -2.03 12.37
N PHE A 17 -6.34 -1.93 11.48
CA PHE A 17 -5.68 -0.66 11.20
C PHE A 17 -5.66 -0.37 9.71
N THR A 18 -5.50 0.91 9.36
CA THR A 18 -5.47 1.33 7.97
C THR A 18 -4.06 1.74 7.55
N ARG A 19 -3.63 1.27 6.38
CA ARG A 19 -2.30 1.60 5.87
C ARG A 19 -2.40 2.34 4.54
N TYR A 20 -1.34 3.06 4.19
CA TYR A 20 -1.31 3.82 2.94
C TYR A 20 -0.66 3.00 1.83
N TYR A 21 -1.01 3.34 0.59
CA TYR A 21 -0.46 2.65 -0.57
C TYR A 21 -0.48 3.54 -1.81
N TYR A 22 0.54 3.42 -2.64
CA TYR A 22 0.63 4.21 -3.86
C TYR A 22 0.46 3.33 -5.10
N ASN A 23 -0.33 3.81 -6.05
CA ASN A 23 -0.58 3.08 -7.29
C ASN A 23 -0.25 3.93 -8.51
N GLU A 24 0.14 3.26 -9.60
CA GLU A 24 0.48 3.96 -10.83
C GLU A 24 -0.75 4.21 -11.67
N GLU A 25 -0.56 4.34 -12.98
CA GLU A 25 -1.67 4.58 -13.91
C GLU A 25 -2.25 5.97 -13.69
N SER A 26 -1.61 6.76 -12.83
CA SER A 26 -2.07 8.11 -12.54
C SER A 26 -1.21 8.75 -11.46
N GLY A 27 -0.64 7.92 -10.60
CA GLY A 27 0.21 8.43 -9.53
C GLY A 27 -0.60 8.98 -8.36
N LYS A 28 -1.41 8.13 -7.75
CA LYS A 28 -2.24 8.53 -6.62
C LYS A 28 -1.98 7.64 -5.41
N CYS A 29 -2.46 8.08 -4.25
CA CYS A 29 -2.28 7.32 -3.02
C CYS A 29 -3.60 7.22 -2.24
N GLU A 30 -3.79 6.09 -1.57
CA GLU A 30 -5.01 5.87 -0.80
C GLU A 30 -4.70 5.04 0.46
N THR A 31 -5.77 4.67 1.17
CA THR A 31 -5.62 3.88 2.38
C THR A 31 -6.42 2.58 2.29
N PHE A 32 -5.91 1.53 2.95
CA PHE A 32 -6.57 0.24 2.94
C PHE A 32 -6.50 -0.41 4.32
N ILE A 33 -7.36 -1.39 4.55
CA ILE A 33 -7.40 -2.10 5.82
C ILE A 33 -6.48 -3.32 5.81
N TYR A 34 -5.59 -3.40 6.80
CA TYR A 34 -4.65 -4.50 6.89
C TYR A 34 -4.62 -5.07 8.32
N GLY A 35 -4.68 -6.39 8.42
CA GLY A 35 -4.66 -7.03 9.72
C GLY A 35 -4.45 -8.53 9.62
N GLY A 36 -3.46 -9.04 10.34
CA GLY A 36 -3.18 -10.47 10.31
C GLY A 36 -2.37 -10.87 9.10
N VAL A 37 -3.06 -11.40 8.09
CA VAL A 37 -2.40 -11.84 6.86
C VAL A 37 -2.12 -10.65 5.94
N GLY A 38 -0.87 -10.56 5.49
CA GLY A 38 -0.48 -9.46 4.60
C GLY A 38 -0.43 -9.89 3.15
N GLY A 39 -1.05 -9.10 2.27
CA GLY A 39 -1.05 -9.42 0.85
C GLY A 39 -0.38 -8.35 0.02
N ASN A 40 0.25 -8.77 -1.07
CA ASN A 40 0.94 -7.84 -1.96
C ASN A 40 1.88 -6.93 -1.17
N SER A 41 2.38 -5.89 -1.83
CA SER A 41 3.28 -4.94 -1.20
C SER A 41 2.66 -3.55 -1.14
N ASN A 42 1.36 -3.48 -1.37
CA ASN A 42 0.64 -2.21 -1.35
C ASN A 42 0.16 -1.88 0.06
N ASN A 43 1.04 -2.05 1.04
CA ASN A 43 0.70 -1.77 2.42
C ASN A 43 1.86 -1.10 3.15
N PHE A 44 1.58 0.05 3.76
CA PHE A 44 2.60 0.80 4.49
C PHE A 44 2.01 1.47 5.72
N LEU A 45 2.58 1.14 6.89
CA LEU A 45 2.10 1.70 8.14
C LEU A 45 2.46 3.18 8.25
N THR A 46 3.19 3.67 7.25
CA THR A 46 3.59 5.08 7.22
C THR A 46 2.87 5.84 6.11
N LYS A 47 2.63 7.12 6.34
CA LYS A 47 1.95 7.96 5.36
C LYS A 47 2.91 8.37 4.24
N GLU A 48 3.91 9.17 4.58
CA GLU A 48 4.89 9.64 3.62
C GLU A 48 5.48 8.47 2.84
N ASP A 49 5.80 7.39 3.56
CA ASP A 49 6.37 6.21 2.93
C ASP A 49 5.58 5.80 1.70
N CYS A 50 4.28 6.06 1.72
CA CYS A 50 3.41 5.72 0.60
C CYS A 50 4.06 6.12 -0.72
N CYS A 51 4.39 7.40 -0.86
CA CYS A 51 5.01 7.91 -2.08
C CYS A 51 6.36 7.23 -2.32
N ARG A 52 7.08 6.94 -1.23
CA ARG A 52 8.38 6.29 -1.33
C ARG A 52 8.32 5.08 -2.25
N GLU A 53 7.21 4.35 -2.18
CA GLU A 53 7.03 3.16 -3.00
C GLU A 53 7.26 3.48 -4.48
N CYS A 54 6.74 4.62 -4.91
CA CYS A 54 6.88 5.04 -6.30
C CYS A 54 7.86 6.20 -6.42
N ALA A 55 8.44 6.60 -5.29
CA ALA A 55 9.39 7.70 -5.26
C ALA A 55 10.73 7.27 -5.86
N GLN A 56 10.99 5.96 -5.86
CA GLN A 56 12.23 5.43 -6.40
C GLN A 56 12.25 5.51 -7.91
N GLY A 57 11.09 5.78 -8.50
CA GLY A 57 10.99 5.88 -9.94
C GLY A 57 10.79 7.31 -10.42
N SER A 58 10.19 8.13 -9.56
CA SER A 58 9.93 9.53 -9.90
C SER A 58 9.75 10.36 -8.64
N CYS A 59 8.63 10.15 -7.95
CA CYS A 59 8.33 10.87 -6.73
C CYS A 59 9.52 10.87 -5.77
N LYS A 1 10.87 -1.73 -10.01
CA LYS A 1 10.09 -1.57 -8.79
C LYS A 1 8.60 -1.54 -9.11
N LYS A 2 8.11 -2.59 -9.75
CA LYS A 2 6.70 -2.69 -10.12
C LYS A 2 5.85 -2.99 -8.89
N LYS A 3 6.50 -3.27 -7.76
CA LYS A 3 5.81 -3.57 -6.53
C LYS A 3 4.85 -2.44 -6.15
N CYS A 4 5.16 -1.24 -6.61
CA CYS A 4 4.34 -0.07 -6.33
C CYS A 4 2.98 -0.17 -7.02
N GLN A 5 2.91 -1.04 -8.03
CA GLN A 5 1.68 -1.24 -8.79
C GLN A 5 1.02 -2.56 -8.41
N LEU A 6 0.42 -2.61 -7.23
CA LEU A 6 -0.24 -3.82 -6.76
C LEU A 6 -1.72 -3.55 -6.48
N PRO A 7 -2.55 -4.58 -6.66
CA PRO A 7 -4.00 -4.49 -6.44
C PRO A 7 -4.34 -4.36 -4.95
N SER A 8 -5.62 -4.48 -4.64
CA SER A 8 -6.09 -4.37 -3.25
C SER A 8 -5.73 -5.63 -2.47
N ASP A 9 -5.88 -5.55 -1.15
CA ASP A 9 -5.57 -6.68 -0.28
C ASP A 9 -5.90 -6.35 1.18
N VAL A 10 -6.70 -7.19 1.81
CA VAL A 10 -7.08 -6.98 3.20
C VAL A 10 -6.66 -8.16 4.07
N GLY A 11 -6.63 -9.35 3.47
CA GLY A 11 -6.24 -10.53 4.21
C GLY A 11 -7.16 -10.83 5.37
N LYS A 12 -6.67 -11.61 6.34
CA LYS A 12 -7.45 -11.96 7.51
C LYS A 12 -6.77 -11.48 8.78
N GLY A 13 -7.57 -11.25 9.82
CA GLY A 13 -7.02 -10.78 11.08
C GLY A 13 -8.01 -9.94 11.87
N LYS A 14 -7.73 -9.76 13.16
CA LYS A 14 -8.61 -8.98 14.03
C LYS A 14 -7.96 -7.64 14.38
N ALA A 15 -6.96 -7.25 13.60
CA ALA A 15 -6.27 -5.99 13.82
C ALA A 15 -6.83 -4.89 12.92
N SER A 16 -7.73 -4.08 13.48
CA SER A 16 -8.33 -2.99 12.72
C SER A 16 -7.36 -1.84 12.53
N PHE A 17 -6.37 -2.04 11.67
CA PHE A 17 -5.36 -1.02 11.40
C PHE A 17 -5.42 -0.58 9.94
N THR A 18 -5.00 0.65 9.68
CA THR A 18 -5.00 1.20 8.33
C THR A 18 -3.58 1.35 7.80
N ARG A 19 -3.37 0.94 6.55
CA ARG A 19 -2.07 1.03 5.92
C ARG A 19 -2.12 1.92 4.68
N TYR A 20 -1.00 2.00 3.97
CA TYR A 20 -0.91 2.81 2.77
C TYR A 20 -0.79 1.94 1.52
N TYR A 21 -1.23 2.48 0.39
CA TYR A 21 -1.17 1.75 -0.88
C TYR A 21 -1.12 2.71 -2.06
N TYR A 22 -0.19 2.47 -2.97
CA TYR A 22 -0.03 3.31 -4.15
C TYR A 22 -0.36 2.54 -5.43
N ASN A 23 -0.98 3.22 -6.38
CA ASN A 23 -1.34 2.59 -7.65
C ASN A 23 -0.86 3.42 -8.83
N GLU A 24 -0.58 2.76 -9.94
CA GLU A 24 -0.10 3.44 -11.14
C GLU A 24 -1.27 3.81 -12.05
N GLU A 25 -0.98 3.93 -13.35
CA GLU A 25 -2.00 4.27 -14.33
C GLU A 25 -2.56 5.68 -14.06
N SER A 26 -1.89 6.42 -13.20
CA SER A 26 -2.31 7.77 -12.86
C SER A 26 -1.44 8.35 -11.76
N GLY A 27 -0.88 7.47 -10.92
CA GLY A 27 -0.03 7.92 -9.84
C GLY A 27 -0.83 8.46 -8.66
N LYS A 28 -1.54 7.58 -7.98
CA LYS A 28 -2.35 7.97 -6.83
C LYS A 28 -1.97 7.17 -5.59
N CYS A 29 -2.38 7.65 -4.43
CA CYS A 29 -2.08 6.98 -3.16
C CYS A 29 -3.23 7.15 -2.18
N GLU A 30 -3.40 6.17 -1.30
CA GLU A 30 -4.47 6.20 -0.31
C GLU A 30 -4.19 5.20 0.82
N THR A 31 -5.17 5.02 1.70
CA THR A 31 -5.04 4.11 2.82
C THR A 31 -6.03 2.95 2.70
N PHE A 32 -5.66 1.81 3.28
CA PHE A 32 -6.52 0.63 3.24
C PHE A 32 -6.60 -0.03 4.61
N ILE A 33 -7.56 -0.92 4.79
CA ILE A 33 -7.73 -1.63 6.05
C ILE A 33 -7.09 -3.02 6.01
N TYR A 34 -6.27 -3.30 7.01
CA TYR A 34 -5.59 -4.60 7.10
C TYR A 34 -5.42 -5.03 8.55
N GLY A 35 -5.31 -6.35 8.75
CA GLY A 35 -5.14 -6.87 10.09
C GLY A 35 -4.59 -8.27 10.09
N GLY A 36 -4.11 -8.72 11.25
CA GLY A 36 -3.56 -10.06 11.36
C GLY A 36 -2.31 -10.24 10.53
N VAL A 37 -2.48 -10.70 9.29
CA VAL A 37 -1.36 -10.92 8.39
C VAL A 37 -0.90 -9.61 7.75
N GLY A 38 0.32 -9.59 7.23
CA GLY A 38 0.84 -8.40 6.59
C GLY A 38 0.44 -8.29 5.14
N GLY A 39 0.16 -7.07 4.69
CA GLY A 39 -0.24 -6.86 3.32
C GLY A 39 0.94 -6.82 2.37
N ASN A 40 0.66 -6.86 1.07
CA ASN A 40 1.71 -6.84 0.06
C ASN A 40 2.52 -5.56 0.15
N SER A 41 3.34 -5.30 -0.86
CA SER A 41 4.18 -4.11 -0.90
C SER A 41 3.32 -2.85 -0.90
N ASN A 42 2.04 -3.01 -1.22
CA ASN A 42 1.12 -1.88 -1.25
C ASN A 42 0.35 -1.76 0.06
N ASN A 43 0.98 -2.20 1.14
CA ASN A 43 0.36 -2.14 2.47
C ASN A 43 1.40 -1.94 3.55
N PHE A 44 1.55 -0.71 4.01
CA PHE A 44 2.52 -0.40 5.06
C PHE A 44 2.02 0.74 5.95
N LEU A 45 2.49 0.76 7.20
CA LEU A 45 2.08 1.79 8.15
C LEU A 45 2.70 3.14 7.79
N THR A 46 3.50 3.15 6.72
CA THR A 46 4.17 4.37 6.28
C THR A 46 3.16 5.36 5.70
N LYS A 47 3.40 6.64 5.93
CA LYS A 47 2.52 7.70 5.43
C LYS A 47 3.17 8.46 4.29
N GLU A 48 3.98 9.46 4.64
CA GLU A 48 4.67 10.27 3.65
C GLU A 48 5.53 9.41 2.75
N ASP A 49 6.22 8.43 3.34
CA ASP A 49 7.08 7.53 2.59
C ASP A 49 6.36 6.99 1.36
N CYS A 50 5.05 6.86 1.46
CA CYS A 50 4.24 6.36 0.36
C CYS A 50 4.72 6.92 -0.98
N CYS A 51 4.72 8.25 -1.08
CA CYS A 51 5.15 8.92 -2.30
C CYS A 51 6.57 8.51 -2.67
N ARG A 52 7.46 8.49 -1.69
CA ARG A 52 8.85 8.11 -1.92
C ARG A 52 8.94 6.68 -2.46
N GLU A 53 8.09 5.80 -1.95
CA GLU A 53 8.06 4.41 -2.39
C GLU A 53 7.85 4.31 -3.90
N CYS A 54 7.13 5.28 -4.45
CA CYS A 54 6.85 5.30 -5.88
C CYS A 54 7.56 6.47 -6.55
N ALA A 55 8.19 7.32 -5.74
CA ALA A 55 8.91 8.47 -6.26
C ALA A 55 10.13 8.04 -7.06
N GLN A 56 10.49 6.77 -6.95
CA GLN A 56 11.64 6.24 -7.67
C GLN A 56 11.31 6.00 -9.14
N GLY A 57 10.02 5.92 -9.44
CA GLY A 57 9.59 5.71 -10.81
C GLY A 57 8.14 6.07 -11.02
N SER A 58 7.69 7.16 -10.41
CA SER A 58 6.32 7.61 -10.53
C SER A 58 6.10 8.92 -9.79
N CYS A 59 6.14 8.86 -8.47
CA CYS A 59 5.95 10.04 -7.64
C CYS A 59 7.09 11.03 -7.83
N LYS A 1 10.57 -1.93 -9.84
CA LYS A 1 9.73 -1.20 -8.88
C LYS A 1 8.26 -1.38 -9.21
N LYS A 2 7.83 -2.63 -9.36
CA LYS A 2 6.44 -2.93 -9.67
C LYS A 2 5.62 -3.12 -8.39
N LYS A 3 6.22 -2.74 -7.25
CA LYS A 3 5.54 -2.87 -5.97
C LYS A 3 4.58 -1.72 -5.75
N CYS A 4 4.66 -0.71 -6.60
CA CYS A 4 3.78 0.46 -6.50
C CYS A 4 2.53 0.28 -7.34
N GLN A 5 2.27 -0.96 -7.74
CA GLN A 5 1.09 -1.27 -8.54
C GLN A 5 0.58 -2.67 -8.23
N LEU A 6 0.04 -2.84 -7.04
CA LEU A 6 -0.50 -4.14 -6.61
C LEU A 6 -1.98 -4.01 -6.28
N PRO A 7 -2.70 -5.14 -6.38
CA PRO A 7 -4.14 -5.20 -6.09
C PRO A 7 -4.43 -5.03 -4.60
N SER A 8 -5.51 -4.31 -4.29
CA SER A 8 -5.91 -4.07 -2.91
C SER A 8 -6.06 -5.38 -2.16
N ASP A 9 -6.19 -5.28 -0.83
CA ASP A 9 -6.35 -6.47 0.00
C ASP A 9 -6.50 -6.07 1.46
N VAL A 10 -7.59 -6.53 2.09
CA VAL A 10 -7.85 -6.23 3.49
C VAL A 10 -7.69 -7.47 4.37
N GLY A 11 -8.01 -8.62 3.80
CA GLY A 11 -7.89 -9.87 4.54
C GLY A 11 -8.61 -9.82 5.87
N LYS A 12 -8.45 -10.87 6.67
CA LYS A 12 -9.08 -10.95 7.98
C LYS A 12 -8.05 -10.98 9.10
N GLY A 13 -8.51 -10.98 10.34
CA GLY A 13 -7.62 -11.01 11.48
C GLY A 13 -8.04 -10.07 12.58
N LYS A 14 -7.29 -10.07 13.67
CA LYS A 14 -7.61 -9.21 14.81
C LYS A 14 -6.82 -7.90 14.74
N ALA A 15 -6.37 -7.56 13.53
CA ALA A 15 -5.61 -6.33 13.32
C ALA A 15 -6.49 -5.24 12.72
N SER A 16 -6.58 -4.11 13.43
CA SER A 16 -7.41 -3.00 12.97
C SER A 16 -6.53 -1.78 12.64
N PHE A 17 -5.50 -2.01 11.83
CA PHE A 17 -4.59 -0.95 11.44
C PHE A 17 -4.84 -0.52 10.00
N THR A 18 -4.49 0.72 9.68
CA THR A 18 -4.67 1.24 8.33
C THR A 18 -3.33 1.42 7.63
N ARG A 19 -3.29 1.02 6.35
CA ARG A 19 -2.06 1.14 5.56
C ARG A 19 -2.31 1.95 4.30
N TYR A 20 -1.23 2.38 3.67
CA TYR A 20 -1.32 3.18 2.45
C TYR A 20 -1.24 2.29 1.21
N TYR A 21 -1.62 2.85 0.06
CA TYR A 21 -1.59 2.10 -1.19
C TYR A 21 -1.53 3.05 -2.39
N TYR A 22 -0.40 3.04 -3.09
CA TYR A 22 -0.21 3.90 -4.25
C TYR A 22 -0.27 3.09 -5.54
N ASN A 23 -1.02 3.60 -6.52
CA ASN A 23 -1.17 2.94 -7.80
C ASN A 23 -0.66 3.82 -8.94
N GLU A 24 0.14 3.24 -9.82
CA GLU A 24 0.69 3.97 -10.96
C GLU A 24 -0.37 4.18 -12.03
N GLU A 25 -1.28 3.21 -12.16
CA GLU A 25 -2.34 3.31 -13.16
C GLU A 25 -2.96 4.69 -13.17
N SER A 26 -3.04 5.32 -12.00
CA SER A 26 -3.62 6.65 -11.87
C SER A 26 -2.63 7.61 -11.22
N GLY A 27 -1.51 7.06 -10.73
CA GLY A 27 -0.51 7.89 -10.09
C GLY A 27 -1.03 8.58 -8.84
N LYS A 28 -1.86 7.87 -8.09
CA LYS A 28 -2.44 8.42 -6.86
C LYS A 28 -2.17 7.50 -5.68
N CYS A 29 -2.53 7.97 -4.48
CA CYS A 29 -2.34 7.17 -3.27
C CYS A 29 -3.61 7.13 -2.44
N GLU A 30 -3.74 6.10 -1.61
CA GLU A 30 -4.91 5.94 -0.75
C GLU A 30 -4.58 5.11 0.48
N THR A 31 -5.59 4.83 1.28
CA THR A 31 -5.41 4.04 2.51
C THR A 31 -6.51 2.99 2.65
N PHE A 32 -6.19 1.92 3.36
CA PHE A 32 -7.15 0.83 3.58
C PHE A 32 -6.95 0.20 4.95
N ILE A 33 -7.68 -0.88 5.21
CA ILE A 33 -7.57 -1.59 6.48
C ILE A 33 -6.80 -2.89 6.31
N TYR A 34 -5.97 -3.20 7.30
CA TYR A 34 -5.17 -4.42 7.26
C TYR A 34 -5.45 -5.29 8.50
N GLY A 35 -5.48 -6.60 8.30
CA GLY A 35 -5.74 -7.52 9.39
C GLY A 35 -4.51 -8.33 9.76
N GLY A 36 -4.69 -9.65 9.84
CA GLY A 36 -3.58 -10.52 10.18
C GLY A 36 -3.07 -11.31 8.99
N VAL A 37 -3.78 -11.21 7.88
CA VAL A 37 -3.40 -11.92 6.66
C VAL A 37 -2.29 -11.18 5.92
N GLY A 38 -1.39 -11.93 5.30
CA GLY A 38 -0.29 -11.33 4.57
C GLY A 38 -0.77 -10.40 3.47
N GLY A 39 -0.34 -9.14 3.52
CA GLY A 39 -0.74 -8.18 2.52
C GLY A 39 0.22 -8.11 1.35
N ASN A 40 -0.18 -7.43 0.29
CA ASN A 40 0.66 -7.30 -0.90
C ASN A 40 1.96 -6.58 -0.57
N SER A 41 2.70 -6.19 -1.61
CA SER A 41 3.96 -5.50 -1.43
C SER A 41 3.74 -4.03 -1.06
N ASN A 42 2.47 -3.62 -1.04
CA ASN A 42 2.12 -2.24 -0.72
C ASN A 42 1.51 -2.16 0.68
N ASN A 43 1.86 -3.11 1.53
CA ASN A 43 1.35 -3.13 2.90
C ASN A 43 2.32 -2.49 3.87
N PHE A 44 2.04 -1.26 4.26
CA PHE A 44 2.89 -0.52 5.18
C PHE A 44 2.10 0.50 5.99
N LEU A 45 2.37 0.58 7.28
CA LEU A 45 1.68 1.52 8.15
C LEU A 45 2.19 2.95 7.95
N THR A 46 3.11 3.10 7.00
CA THR A 46 3.68 4.41 6.71
C THR A 46 2.66 5.31 6.03
N LYS A 47 2.94 6.61 6.02
CA LYS A 47 2.04 7.59 5.40
C LYS A 47 2.76 8.36 4.30
N GLU A 48 3.56 9.34 4.70
CA GLU A 48 4.30 10.16 3.74
C GLU A 48 5.15 9.28 2.83
N ASP A 49 5.83 8.29 3.42
CA ASP A 49 6.67 7.39 2.66
C ASP A 49 5.95 6.89 1.41
N CYS A 50 4.63 6.81 1.48
CA CYS A 50 3.83 6.35 0.37
C CYS A 50 4.35 6.92 -0.96
N CYS A 51 4.38 8.24 -1.05
CA CYS A 51 4.86 8.91 -2.26
C CYS A 51 6.30 8.52 -2.56
N ARG A 52 7.13 8.46 -1.52
CA ARG A 52 8.53 8.10 -1.66
C ARG A 52 8.67 6.77 -2.39
N GLU A 53 7.79 5.83 -2.07
CA GLU A 53 7.82 4.51 -2.69
C GLU A 53 7.65 4.61 -4.21
N CYS A 54 6.83 5.56 -4.64
CA CYS A 54 6.59 5.77 -6.06
C CYS A 54 7.32 7.01 -6.57
N ALA A 55 7.97 7.72 -5.65
CA ALA A 55 8.72 8.92 -6.00
C ALA A 55 9.92 8.58 -6.88
N GLN A 56 10.36 7.33 -6.81
CA GLN A 56 11.51 6.89 -7.60
C GLN A 56 11.17 6.90 -9.09
N GLY A 57 9.88 6.85 -9.41
CA GLY A 57 9.46 6.85 -10.80
C GLY A 57 8.46 7.96 -11.09
N SER A 58 7.24 7.80 -10.60
CA SER A 58 6.19 8.78 -10.81
C SER A 58 5.43 9.07 -9.51
N CYS A 59 5.18 10.35 -9.26
CA CYS A 59 4.47 10.76 -8.05
C CYS A 59 4.00 12.21 -8.17
N LYS A 1 11.00 -3.40 -7.68
CA LYS A 1 10.12 -2.67 -8.60
C LYS A 1 8.73 -3.31 -8.62
N LYS A 2 7.76 -2.56 -9.14
CA LYS A 2 6.39 -3.05 -9.22
C LYS A 2 5.79 -3.27 -7.84
N LYS A 3 6.49 -2.75 -6.82
CA LYS A 3 6.02 -2.88 -5.44
C LYS A 3 5.27 -1.62 -5.00
N CYS A 4 5.38 -0.56 -5.79
CA CYS A 4 4.72 0.69 -5.48
C CYS A 4 3.29 0.71 -6.05
N GLN A 5 2.85 -0.44 -6.53
CA GLN A 5 1.51 -0.56 -7.09
C GLN A 5 0.95 -1.97 -6.88
N LEU A 6 0.43 -2.22 -5.68
CA LEU A 6 -0.13 -3.53 -5.36
C LEU A 6 -1.60 -3.41 -4.96
N PRO A 7 -2.38 -4.46 -5.26
CA PRO A 7 -3.82 -4.49 -4.96
C PRO A 7 -4.08 -4.59 -3.45
N SER A 8 -5.32 -4.89 -3.10
CA SER A 8 -5.71 -5.01 -1.69
C SER A 8 -5.63 -6.46 -1.23
N ASP A 9 -5.61 -6.65 0.08
CA ASP A 9 -5.53 -7.99 0.66
C ASP A 9 -5.84 -7.96 2.16
N VAL A 10 -6.73 -7.06 2.55
CA VAL A 10 -7.12 -6.92 3.96
C VAL A 10 -7.45 -8.28 4.56
N GLY A 11 -8.23 -9.07 3.84
CA GLY A 11 -8.61 -10.39 4.33
C GLY A 11 -9.19 -10.34 5.72
N LYS A 12 -9.12 -11.46 6.43
CA LYS A 12 -9.64 -11.54 7.80
C LYS A 12 -8.52 -11.85 8.79
N GLY A 13 -8.75 -11.49 10.05
CA GLY A 13 -7.77 -11.74 11.08
C GLY A 13 -8.16 -11.15 12.42
N LYS A 14 -7.19 -11.03 13.33
CA LYS A 14 -7.44 -10.47 14.65
C LYS A 14 -7.19 -8.97 14.66
N ALA A 15 -6.47 -8.49 13.65
CA ALA A 15 -6.17 -7.06 13.55
C ALA A 15 -7.10 -6.38 12.56
N SER A 16 -6.96 -5.06 12.43
CA SER A 16 -7.79 -4.28 11.53
C SER A 16 -7.34 -2.83 11.48
N PHE A 17 -6.10 -2.60 11.07
CA PHE A 17 -5.55 -1.26 10.99
C PHE A 17 -5.43 -0.80 9.53
N THR A 18 -5.77 0.46 9.29
CA THR A 18 -5.71 1.02 7.94
C THR A 18 -4.31 1.55 7.63
N ARG A 19 -3.83 1.26 6.42
CA ARG A 19 -2.51 1.71 6.00
C ARG A 19 -2.57 2.39 4.64
N TYR A 20 -1.45 2.99 4.23
CA TYR A 20 -1.39 3.68 2.95
C TYR A 20 -0.64 2.84 1.92
N TYR A 21 -1.11 2.91 0.67
CA TYR A 21 -0.49 2.15 -0.41
C TYR A 21 -0.54 2.94 -1.71
N TYR A 22 0.58 2.96 -2.43
CA TYR A 22 0.67 3.67 -3.69
C TYR A 22 0.16 2.81 -4.84
N ASN A 23 -0.50 3.45 -5.81
CA ASN A 23 -1.03 2.74 -6.97
C ASN A 23 -0.65 3.45 -8.26
N GLU A 24 -0.39 2.65 -9.31
CA GLU A 24 -0.03 3.21 -10.60
C GLU A 24 -1.26 3.55 -11.43
N GLU A 25 -1.10 3.57 -12.74
CA GLU A 25 -2.21 3.88 -13.65
C GLU A 25 -2.65 5.33 -13.47
N SER A 26 -1.87 6.10 -12.73
CA SER A 26 -2.19 7.51 -12.48
C SER A 26 -1.20 8.11 -11.49
N GLY A 27 -0.63 7.27 -10.63
CA GLY A 27 0.33 7.75 -9.64
C GLY A 27 -0.35 8.45 -8.48
N LYS A 28 -1.25 7.74 -7.81
CA LYS A 28 -1.97 8.31 -6.67
C LYS A 28 -1.82 7.42 -5.44
N CYS A 29 -2.18 7.96 -4.28
CA CYS A 29 -2.09 7.21 -3.03
C CYS A 29 -3.47 6.89 -2.49
N GLU A 30 -3.60 5.73 -1.84
CA GLU A 30 -4.87 5.30 -1.27
C GLU A 30 -4.67 4.70 0.12
N THR A 31 -5.75 4.21 0.70
CA THR A 31 -5.69 3.61 2.03
C THR A 31 -6.56 2.35 2.09
N PHE A 32 -6.06 1.32 2.78
CA PHE A 32 -6.78 0.06 2.91
C PHE A 32 -6.74 -0.43 4.35
N ILE A 33 -7.17 -1.68 4.55
CA ILE A 33 -7.17 -2.28 5.88
C ILE A 33 -6.28 -3.50 5.94
N TYR A 34 -5.62 -3.70 7.07
CA TYR A 34 -4.73 -4.84 7.26
C TYR A 34 -4.90 -5.43 8.66
N GLY A 35 -4.75 -6.76 8.75
CA GLY A 35 -4.89 -7.43 10.03
C GLY A 35 -5.32 -8.87 9.88
N GLY A 36 -4.35 -9.76 9.67
CA GLY A 36 -4.65 -11.17 9.52
C GLY A 36 -3.78 -11.84 8.47
N VAL A 37 -4.29 -11.91 7.24
CA VAL A 37 -3.55 -12.54 6.15
C VAL A 37 -2.50 -11.59 5.59
N GLY A 38 -1.59 -12.14 4.79
CA GLY A 38 -0.54 -11.32 4.20
C GLY A 38 -1.07 -10.14 3.41
N GLY A 39 -0.30 -9.06 3.37
CA GLY A 39 -0.72 -7.88 2.64
C GLY A 39 0.26 -7.48 1.56
N ASN A 40 -0.14 -6.51 0.73
CA ASN A 40 0.71 -6.04 -0.35
C ASN A 40 2.07 -5.60 0.19
N SER A 41 2.93 -5.12 -0.72
CA SER A 41 4.27 -4.67 -0.33
C SER A 41 4.27 -3.16 -0.09
N ASN A 42 3.14 -2.51 -0.37
CA ASN A 42 3.03 -1.07 -0.18
C ASN A 42 2.54 -0.75 1.23
N ASN A 43 2.19 -1.79 1.98
CA ASN A 43 1.70 -1.61 3.34
C ASN A 43 2.64 -0.73 4.15
N PHE A 44 2.08 0.26 4.83
CA PHE A 44 2.88 1.18 5.64
C PHE A 44 1.97 2.09 6.47
N LEU A 45 2.28 2.19 7.76
CA LEU A 45 1.50 3.03 8.67
C LEU A 45 1.78 4.51 8.42
N THR A 46 2.64 4.79 7.45
CA THR A 46 2.99 6.17 7.12
C THR A 46 2.06 6.72 6.04
N LYS A 47 2.27 7.99 5.68
CA LYS A 47 1.46 8.64 4.65
C LYS A 47 2.33 9.11 3.49
N GLU A 48 3.15 10.12 3.75
CA GLU A 48 4.04 10.67 2.73
C GLU A 48 4.90 9.57 2.12
N ASP A 49 5.36 8.65 2.95
CA ASP A 49 6.20 7.54 2.49
C ASP A 49 5.58 6.86 1.27
N CYS A 50 4.25 6.85 1.23
CA CYS A 50 3.53 6.22 0.12
C CYS A 50 4.14 6.63 -1.22
N CYS A 51 4.24 7.93 -1.45
CA CYS A 51 4.81 8.44 -2.69
C CYS A 51 6.24 7.95 -2.88
N ARG A 52 6.99 7.90 -1.79
CA ARG A 52 8.37 7.45 -1.84
C ARG A 52 8.47 6.04 -2.43
N GLU A 53 7.52 5.19 -2.06
CA GLU A 53 7.49 3.82 -2.55
C GLU A 53 7.53 3.78 -4.08
N CYS A 54 6.91 4.78 -4.70
CA CYS A 54 6.88 4.87 -6.16
C CYS A 54 7.78 5.99 -6.66
N ALA A 55 8.28 6.80 -5.73
CA ALA A 55 9.16 7.92 -6.08
C ALA A 55 10.48 7.41 -6.65
N GLN A 56 10.73 6.12 -6.49
CA GLN A 56 11.96 5.52 -6.99
C GLN A 56 11.91 5.35 -8.51
N GLY A 57 10.70 5.32 -9.06
CA GLY A 57 10.54 5.18 -10.49
C GLY A 57 9.14 5.54 -10.96
N SER A 58 8.62 6.65 -10.45
CA SER A 58 7.29 7.11 -10.81
C SER A 58 6.95 8.43 -10.11
N CYS A 59 6.76 8.36 -8.80
CA CYS A 59 6.44 9.55 -8.02
C CYS A 59 7.63 10.49 -7.94
N LYS A 1 9.03 -1.61 -11.82
CA LYS A 1 8.57 -1.02 -10.56
C LYS A 1 7.08 -1.25 -10.37
N LYS A 2 6.68 -2.52 -10.40
CA LYS A 2 5.28 -2.88 -10.22
C LYS A 2 4.86 -2.72 -8.77
N LYS A 3 5.83 -2.46 -7.90
CA LYS A 3 5.56 -2.29 -6.48
C LYS A 3 4.57 -1.15 -6.25
N CYS A 4 4.58 -0.18 -7.15
CA CYS A 4 3.68 0.97 -7.05
C CYS A 4 2.26 0.59 -7.46
N GLN A 5 2.10 -0.64 -7.91
CA GLN A 5 0.78 -1.12 -8.33
C GLN A 5 0.53 -2.53 -7.80
N LEU A 6 -0.01 -2.61 -6.59
CA LEU A 6 -0.31 -3.89 -5.96
C LEU A 6 -1.78 -3.99 -5.61
N PRO A 7 -2.35 -5.20 -5.79
CA PRO A 7 -3.76 -5.46 -5.50
C PRO A 7 -4.07 -5.42 -4.00
N SER A 8 -5.35 -5.29 -3.67
CA SER A 8 -5.77 -5.22 -2.28
C SER A 8 -5.73 -6.62 -1.64
N ASP A 9 -5.11 -6.71 -0.47
CA ASP A 9 -5.00 -7.97 0.25
C ASP A 9 -5.34 -7.79 1.72
N VAL A 10 -6.54 -8.21 2.11
CA VAL A 10 -6.99 -8.09 3.49
C VAL A 10 -6.67 -9.37 4.27
N GLY A 11 -6.71 -10.50 3.60
CA GLY A 11 -6.42 -11.77 4.25
C GLY A 11 -7.21 -11.96 5.53
N LYS A 12 -6.75 -12.89 6.37
CA LYS A 12 -7.43 -13.16 7.64
C LYS A 12 -6.98 -12.18 8.71
N GLY A 13 -7.25 -12.52 9.97
CA GLY A 13 -6.86 -11.66 11.07
C GLY A 13 -7.90 -10.60 11.37
N LYS A 14 -7.64 -9.78 12.38
CA LYS A 14 -8.55 -8.72 12.78
C LYS A 14 -8.99 -7.91 11.57
N ALA A 15 -8.04 -7.61 10.69
CA ALA A 15 -8.31 -6.84 9.48
C ALA A 15 -9.24 -5.66 9.78
N SER A 16 -8.74 -4.71 10.56
CA SER A 16 -9.52 -3.53 10.93
C SER A 16 -8.63 -2.30 11.05
N PHE A 17 -7.42 -2.40 10.51
CA PHE A 17 -6.47 -1.29 10.55
C PHE A 17 -6.34 -0.63 9.19
N THR A 18 -5.82 0.59 9.18
CA THR A 18 -5.65 1.33 7.93
C THR A 18 -4.17 1.45 7.57
N ARG A 19 -3.86 1.20 6.30
CA ARG A 19 -2.49 1.28 5.82
C ARG A 19 -2.40 2.14 4.56
N TYR A 20 -1.17 2.39 4.11
CA TYR A 20 -0.95 3.21 2.93
C TYR A 20 -0.46 2.35 1.76
N TYR A 21 -1.07 2.53 0.60
CA TYR A 21 -0.70 1.77 -0.59
C TYR A 21 -0.54 2.68 -1.80
N TYR A 22 0.25 2.24 -2.77
CA TYR A 22 0.48 3.02 -3.98
C TYR A 22 -0.14 2.34 -5.19
N ASN A 23 -0.66 3.16 -6.12
CA ASN A 23 -1.28 2.64 -7.32
C ASN A 23 -0.77 3.38 -8.56
N GLU A 24 -0.75 2.68 -9.70
CA GLU A 24 -0.29 3.26 -10.95
C GLU A 24 -1.40 4.06 -11.62
N GLU A 25 -1.28 4.22 -12.94
CA GLU A 25 -2.28 4.97 -13.70
C GLU A 25 -2.27 6.45 -13.31
N SER A 26 -1.28 6.84 -12.53
CA SER A 26 -1.16 8.22 -12.08
C SER A 26 -0.06 8.37 -11.03
N GLY A 27 0.22 7.27 -10.33
CA GLY A 27 1.25 7.30 -9.31
C GLY A 27 0.81 8.03 -8.06
N LYS A 28 -0.25 7.55 -7.43
CA LYS A 28 -0.78 8.16 -6.22
C LYS A 28 -0.86 7.15 -5.09
N CYS A 29 -1.03 7.64 -3.87
CA CYS A 29 -1.13 6.77 -2.70
C CYS A 29 -2.44 6.99 -1.96
N GLU A 30 -3.05 5.90 -1.50
CA GLU A 30 -4.32 5.98 -0.78
C GLU A 30 -4.27 5.14 0.49
N THR A 31 -5.41 5.05 1.18
CA THR A 31 -5.50 4.27 2.41
C THR A 31 -6.38 3.04 2.22
N PHE A 32 -5.95 1.92 2.79
CA PHE A 32 -6.71 0.68 2.69
C PHE A 32 -6.81 0.00 4.05
N ILE A 33 -7.77 -0.93 4.16
CA ILE A 33 -7.98 -1.66 5.41
C ILE A 33 -7.17 -2.95 5.44
N TYR A 34 -6.17 -3.00 6.31
CA TYR A 34 -5.32 -4.18 6.44
C TYR A 34 -5.17 -4.60 7.90
N GLY A 35 -5.06 -5.90 8.14
CA GLY A 35 -4.91 -6.40 9.49
C GLY A 35 -4.97 -7.92 9.56
N GLY A 36 -3.89 -8.52 10.04
CA GLY A 36 -3.84 -9.97 10.15
C GLY A 36 -2.52 -10.53 9.68
N VAL A 37 -2.55 -11.31 8.60
CA VAL A 37 -1.34 -11.92 8.05
C VAL A 37 -0.56 -10.92 7.21
N GLY A 38 0.72 -11.22 6.98
CA GLY A 38 1.56 -10.34 6.19
C GLY A 38 0.99 -10.09 4.81
N GLY A 39 1.13 -8.87 4.31
CA GLY A 39 0.62 -8.53 3.00
C GLY A 39 1.70 -8.00 2.08
N ASN A 40 1.38 -7.89 0.79
CA ASN A 40 2.34 -7.39 -0.19
C ASN A 40 2.83 -5.99 0.18
N SER A 41 3.62 -5.39 -0.71
CA SER A 41 4.14 -4.05 -0.48
C SER A 41 3.02 -3.02 -0.38
N ASN A 42 1.85 -3.39 -0.92
CA ASN A 42 0.70 -2.50 -0.90
C ASN A 42 0.39 -2.05 0.52
N ASN A 43 0.65 -2.92 1.49
CA ASN A 43 0.41 -2.60 2.89
C ASN A 43 1.67 -2.09 3.58
N PHE A 44 1.59 -0.91 4.16
CA PHE A 44 2.73 -0.31 4.85
C PHE A 44 2.27 0.71 5.88
N LEU A 45 2.83 0.62 7.09
CA LEU A 45 2.48 1.54 8.16
C LEU A 45 3.10 2.92 7.93
N THR A 46 3.79 3.06 6.81
CA THR A 46 4.43 4.33 6.48
C THR A 46 3.51 5.19 5.62
N LYS A 47 3.57 6.51 5.83
CA LYS A 47 2.76 7.44 5.07
C LYS A 47 3.57 8.12 3.98
N GLU A 48 4.46 9.03 4.39
CA GLU A 48 5.30 9.74 3.45
C GLU A 48 6.04 8.78 2.52
N ASP A 49 6.70 7.80 3.11
CA ASP A 49 7.44 6.80 2.34
C ASP A 49 6.60 6.28 1.19
N CYS A 50 5.30 6.18 1.41
CA CYS A 50 4.38 5.67 0.39
C CYS A 50 4.70 6.30 -0.98
N CYS A 51 4.63 7.62 -1.04
CA CYS A 51 4.91 8.33 -2.28
C CYS A 51 6.34 8.07 -2.75
N ARG A 52 7.25 7.94 -1.81
CA ARG A 52 8.66 7.68 -2.12
C ARG A 52 8.80 6.42 -2.98
N GLU A 53 8.01 5.40 -2.64
CA GLU A 53 8.06 4.14 -3.38
C GLU A 53 7.84 4.37 -4.87
N CYS A 54 7.06 5.40 -5.20
CA CYS A 54 6.77 5.72 -6.58
C CYS A 54 7.42 7.04 -6.98
N ALA A 55 8.01 7.72 -5.99
CA ALA A 55 8.66 9.00 -6.24
C ALA A 55 9.93 8.81 -7.07
N GLN A 56 10.35 7.55 -7.22
CA GLN A 56 11.55 7.24 -8.00
C GLN A 56 11.25 7.26 -9.49
N GLY A 57 9.98 7.16 -9.85
CA GLY A 57 9.58 7.17 -11.24
C GLY A 57 8.10 7.44 -11.43
N SER A 58 7.58 8.41 -10.68
CA SER A 58 6.17 8.76 -10.76
C SER A 58 5.86 9.94 -9.84
N CYS A 59 5.90 9.69 -8.53
CA CYS A 59 5.61 10.73 -7.55
C CYS A 59 6.78 11.70 -7.44
N LYS A 1 11.51 -2.64 -8.27
CA LYS A 1 10.57 -2.03 -9.20
C LYS A 1 9.29 -2.84 -9.28
N LYS A 2 8.25 -2.23 -9.84
CA LYS A 2 6.96 -2.90 -9.97
C LYS A 2 6.35 -3.22 -8.62
N LYS A 3 6.93 -2.64 -7.57
CA LYS A 3 6.45 -2.88 -6.21
C LYS A 3 5.52 -1.76 -5.76
N CYS A 4 5.66 -0.60 -6.39
CA CYS A 4 4.83 0.55 -6.06
C CYS A 4 3.39 0.36 -6.55
N GLN A 5 3.21 -0.62 -7.44
CA GLN A 5 1.89 -0.91 -7.98
C GLN A 5 1.49 -2.35 -7.69
N LEU A 6 0.89 -2.57 -6.51
CA LEU A 6 0.46 -3.90 -6.11
C LEU A 6 -1.04 -3.94 -5.88
N PRO A 7 -1.63 -5.14 -5.98
CA PRO A 7 -3.07 -5.33 -5.78
C PRO A 7 -3.48 -5.14 -4.33
N SER A 8 -4.71 -4.68 -4.13
CA SER A 8 -5.23 -4.45 -2.78
C SER A 8 -5.35 -5.76 -2.01
N ASP A 9 -5.69 -5.66 -0.73
CA ASP A 9 -5.85 -6.84 0.11
C ASP A 9 -6.29 -6.45 1.52
N VAL A 10 -7.41 -7.01 1.97
CA VAL A 10 -7.92 -6.71 3.30
C VAL A 10 -7.91 -7.96 4.17
N GLY A 11 -8.19 -9.11 3.57
CA GLY A 11 -8.21 -10.35 4.32
C GLY A 11 -9.03 -10.27 5.59
N LYS A 12 -8.89 -11.26 6.46
CA LYS A 12 -9.62 -11.29 7.72
C LYS A 12 -8.67 -11.27 8.91
N GLY A 13 -9.20 -10.92 10.07
CA GLY A 13 -8.38 -10.87 11.28
C GLY A 13 -8.93 -9.90 12.31
N LYS A 14 -8.28 -9.85 13.46
CA LYS A 14 -8.70 -8.96 14.54
C LYS A 14 -7.73 -7.80 14.71
N ALA A 15 -6.91 -7.57 13.69
CA ALA A 15 -5.93 -6.49 13.73
C ALA A 15 -6.41 -5.28 12.93
N SER A 16 -7.48 -4.65 13.42
CA SER A 16 -8.06 -3.48 12.75
C SER A 16 -7.02 -2.37 12.63
N PHE A 17 -6.40 -2.27 11.45
CA PHE A 17 -5.39 -1.26 11.21
C PHE A 17 -5.43 -0.80 9.76
N THR A 18 -5.09 0.47 9.53
CA THR A 18 -5.08 1.04 8.19
C THR A 18 -3.66 1.26 7.69
N ARG A 19 -3.39 0.87 6.45
CA ARG A 19 -2.06 1.04 5.87
C ARG A 19 -2.08 2.13 4.80
N TYR A 20 -0.91 2.40 4.22
CA TYR A 20 -0.78 3.42 3.20
C TYR A 20 0.22 3.00 2.13
N TYR A 21 -0.11 3.30 0.88
CA TYR A 21 0.75 2.94 -0.25
C TYR A 21 0.19 3.49 -1.57
N TYR A 22 1.01 3.43 -2.60
CA TYR A 22 0.59 3.92 -3.91
C TYR A 22 0.00 2.79 -4.76
N ASN A 23 -0.99 3.13 -5.58
CA ASN A 23 -1.63 2.15 -6.44
C ASN A 23 -1.65 2.61 -7.89
N GLU A 24 -1.63 1.67 -8.82
CA GLU A 24 -1.65 1.98 -10.24
C GLU A 24 -3.06 2.26 -10.72
N GLU A 25 -3.29 2.13 -12.03
CA GLU A 25 -4.59 2.37 -12.61
C GLU A 25 -4.94 3.85 -12.55
N SER A 26 -3.97 4.67 -12.15
CA SER A 26 -4.18 6.11 -12.04
C SER A 26 -2.95 6.79 -11.44
N GLY A 27 -2.20 6.04 -10.65
CA GLY A 27 -1.00 6.59 -10.03
C GLY A 27 -1.33 7.48 -8.84
N LYS A 28 -2.13 6.94 -7.92
CA LYS A 28 -2.51 7.70 -6.72
C LYS A 28 -2.21 6.90 -5.46
N CYS A 29 -2.17 7.58 -4.32
CA CYS A 29 -1.90 6.94 -3.05
C CYS A 29 -3.14 6.90 -2.18
N GLU A 30 -3.34 5.78 -1.49
CA GLU A 30 -4.51 5.61 -0.62
C GLU A 30 -4.18 4.67 0.54
N THR A 31 -5.19 4.40 1.38
CA THR A 31 -5.01 3.53 2.52
C THR A 31 -5.76 2.21 2.34
N PHE A 32 -5.38 1.21 3.12
CA PHE A 32 -6.02 -0.10 3.03
C PHE A 32 -6.15 -0.73 4.42
N ILE A 33 -7.34 -1.26 4.70
CA ILE A 33 -7.60 -1.89 5.99
C ILE A 33 -7.00 -3.28 6.06
N TYR A 34 -5.96 -3.44 6.87
CA TYR A 34 -5.29 -4.72 7.03
C TYR A 34 -5.38 -5.21 8.47
N GLY A 35 -5.48 -6.53 8.63
CA GLY A 35 -5.57 -7.11 9.95
C GLY A 35 -5.62 -8.63 9.92
N GLY A 36 -4.63 -9.26 10.54
CA GLY A 36 -4.58 -10.71 10.57
C GLY A 36 -3.72 -11.28 9.46
N VAL A 37 -4.29 -11.38 8.26
CA VAL A 37 -3.58 -11.90 7.11
C VAL A 37 -2.65 -10.85 6.51
N GLY A 38 -1.34 -11.14 6.52
CA GLY A 38 -0.38 -10.22 5.97
C GLY A 38 -0.61 -9.94 4.50
N GLY A 39 -0.22 -8.74 4.05
CA GLY A 39 -0.40 -8.37 2.67
C GLY A 39 0.91 -8.04 1.97
N ASN A 40 0.87 -7.92 0.65
CA ASN A 40 2.06 -7.60 -0.11
C ASN A 40 2.62 -6.23 0.28
N SER A 41 3.53 -5.71 -0.54
CA SER A 41 4.13 -4.41 -0.27
C SER A 41 3.12 -3.29 -0.46
N ASN A 42 1.95 -3.63 -0.98
CA ASN A 42 0.90 -2.65 -1.21
C ASN A 42 0.38 -2.09 0.12
N ASN A 43 0.75 -2.73 1.22
CA ASN A 43 0.33 -2.29 2.54
C ASN A 43 1.53 -1.91 3.40
N PHE A 44 1.56 -0.65 3.82
CA PHE A 44 2.65 -0.15 4.65
C PHE A 44 2.12 0.63 5.84
N LEU A 45 2.74 0.44 7.00
CA LEU A 45 2.33 1.14 8.22
C LEU A 45 2.77 2.59 8.19
N THR A 46 3.39 2.99 7.09
CA THR A 46 3.88 4.36 6.94
C THR A 46 2.93 5.18 6.07
N LYS A 47 3.04 6.51 6.18
CA LYS A 47 2.20 7.41 5.40
C LYS A 47 3.02 8.16 4.37
N GLU A 48 3.75 9.18 4.83
CA GLU A 48 4.58 9.98 3.94
C GLU A 48 5.45 9.10 3.06
N ASP A 49 6.04 8.07 3.66
CA ASP A 49 6.90 7.14 2.93
C ASP A 49 6.24 6.68 1.64
N CYS A 50 4.91 6.60 1.66
CA CYS A 50 4.14 6.17 0.50
C CYS A 50 4.70 6.81 -0.78
N CYS A 51 4.75 8.14 -0.78
CA CYS A 51 5.26 8.87 -1.95
C CYS A 51 6.69 8.46 -2.26
N ARG A 52 7.51 8.32 -1.22
CA ARG A 52 8.90 7.94 -1.39
C ARG A 52 9.01 6.61 -2.14
N GLU A 53 8.10 5.68 -1.84
CA GLU A 53 8.10 4.38 -2.49
C GLU A 53 8.01 4.52 -4.01
N CYS A 54 7.31 5.57 -4.46
CA CYS A 54 7.15 5.82 -5.88
C CYS A 54 7.94 7.05 -6.30
N ALA A 55 8.56 7.72 -5.33
CA ALA A 55 9.34 8.92 -5.61
C ALA A 55 10.62 8.57 -6.36
N GLN A 56 10.94 7.28 -6.42
CA GLN A 56 12.15 6.81 -7.09
C GLN A 56 11.96 6.83 -8.61
N GLY A 57 10.70 6.81 -9.04
CA GLY A 57 10.41 6.82 -10.46
C GLY A 57 8.98 7.25 -10.76
N SER A 58 8.50 8.25 -10.03
CA SER A 58 7.15 8.75 -10.21
C SER A 58 6.90 9.99 -9.36
N CYS A 59 6.83 9.80 -8.05
CA CYS A 59 6.60 10.90 -7.12
C CYS A 59 7.85 11.75 -6.98
N LYS A 1 8.68 -2.95 -12.42
CA LYS A 1 8.51 -2.39 -11.09
C LYS A 1 7.03 -2.32 -10.72
N LYS A 2 6.36 -3.45 -10.78
CA LYS A 2 4.93 -3.52 -10.45
C LYS A 2 4.72 -3.39 -8.95
N LYS A 3 5.81 -3.43 -8.20
CA LYS A 3 5.75 -3.32 -6.74
C LYS A 3 5.05 -2.03 -6.32
N CYS A 4 5.25 -0.97 -7.11
CA CYS A 4 4.64 0.32 -6.82
C CYS A 4 3.13 0.26 -7.01
N GLN A 5 2.65 -0.83 -7.60
CA GLN A 5 1.23 -1.01 -7.86
C GLN A 5 0.80 -2.44 -7.54
N LEU A 6 0.21 -2.63 -6.36
CA LEU A 6 -0.25 -3.95 -5.94
C LEU A 6 -1.75 -3.94 -5.66
N PRO A 7 -2.40 -5.10 -5.86
CA PRO A 7 -3.84 -5.24 -5.64
C PRO A 7 -4.20 -5.19 -4.16
N SER A 8 -5.40 -4.71 -3.86
CA SER A 8 -5.87 -4.60 -2.49
C SER A 8 -6.45 -5.92 -2.00
N ASP A 9 -6.06 -6.35 -0.81
CA ASP A 9 -6.55 -7.59 -0.23
C ASP A 9 -6.93 -7.40 1.23
N VAL A 10 -8.23 -7.29 1.49
CA VAL A 10 -8.72 -7.10 2.85
C VAL A 10 -8.16 -8.16 3.78
N GLY A 11 -7.89 -9.34 3.24
CA GLY A 11 -7.34 -10.42 4.05
C GLY A 11 -8.29 -10.86 5.14
N LYS A 12 -7.79 -11.64 6.08
CA LYS A 12 -8.60 -12.13 7.19
C LYS A 12 -7.95 -11.79 8.54
N GLY A 13 -8.59 -12.22 9.62
CA GLY A 13 -8.07 -11.95 10.94
C GLY A 13 -9.06 -11.24 11.83
N LYS A 14 -8.75 -11.15 13.12
CA LYS A 14 -9.63 -10.49 14.08
C LYS A 14 -9.20 -9.04 14.30
N ALA A 15 -8.53 -8.48 13.30
CA ALA A 15 -8.07 -7.10 13.38
C ALA A 15 -8.70 -6.25 12.28
N SER A 16 -8.26 -4.99 12.20
CA SER A 16 -8.79 -4.07 11.19
C SER A 16 -7.99 -2.77 11.17
N PHE A 17 -6.70 -2.89 10.85
CA PHE A 17 -5.81 -1.73 10.80
C PHE A 17 -5.76 -1.16 9.38
N THR A 18 -5.48 0.13 9.28
CA THR A 18 -5.39 0.80 8.00
C THR A 18 -3.95 1.14 7.64
N ARG A 19 -3.59 0.91 6.38
CA ARG A 19 -2.24 1.19 5.92
C ARG A 19 -2.25 2.24 4.82
N TYR A 20 -1.07 2.58 4.32
CA TYR A 20 -0.95 3.58 3.26
C TYR A 20 0.27 3.30 2.39
N TYR A 21 0.07 3.40 1.08
CA TYR A 21 1.15 3.16 0.13
C TYR A 21 0.74 3.56 -1.29
N TYR A 22 1.51 3.11 -2.28
CA TYR A 22 1.22 3.43 -3.67
C TYR A 22 0.20 2.45 -4.24
N ASN A 23 -0.65 2.94 -5.15
CA ASN A 23 -1.67 2.12 -5.78
C ASN A 23 -1.83 2.48 -7.25
N GLU A 24 -2.29 1.53 -8.05
CA GLU A 24 -2.48 1.75 -9.48
C GLU A 24 -3.79 2.50 -9.73
N GLU A 25 -4.34 2.31 -10.93
CA GLU A 25 -5.59 2.98 -11.30
C GLU A 25 -5.39 4.48 -11.43
N SER A 26 -4.14 4.92 -11.32
CA SER A 26 -3.81 6.34 -11.42
C SER A 26 -2.36 6.58 -11.07
N GLY A 27 -1.78 5.69 -10.26
CA GLY A 27 -0.40 5.84 -9.87
C GLY A 27 -0.21 6.84 -8.74
N LYS A 28 -1.06 6.74 -7.73
CA LYS A 28 -0.99 7.64 -6.58
C LYS A 28 -0.91 6.86 -5.27
N CYS A 29 -0.90 7.58 -4.16
CA CYS A 29 -0.83 6.95 -2.84
C CYS A 29 -2.16 7.07 -2.12
N GLU A 30 -2.61 5.95 -1.53
CA GLU A 30 -3.88 5.93 -0.81
C GLU A 30 -3.78 5.02 0.41
N THR A 31 -4.91 4.83 1.10
CA THR A 31 -4.96 3.98 2.28
C THR A 31 -5.77 2.72 2.02
N PHE A 32 -5.55 1.70 2.84
CA PHE A 32 -6.26 0.43 2.70
C PHE A 32 -6.51 -0.20 4.06
N ILE A 33 -7.46 -1.13 4.11
CA ILE A 33 -7.80 -1.82 5.35
C ILE A 33 -7.33 -3.27 5.32
N TYR A 34 -6.81 -3.75 6.45
CA TYR A 34 -6.33 -5.12 6.55
C TYR A 34 -6.70 -5.72 7.90
N GLY A 35 -6.79 -7.05 7.93
CA GLY A 35 -7.14 -7.73 9.16
C GLY A 35 -5.94 -7.98 10.05
N GLY A 36 -5.60 -9.25 10.25
CA GLY A 36 -4.47 -9.61 11.08
C GLY A 36 -3.36 -10.31 10.30
N VAL A 37 -3.70 -10.76 9.10
CA VAL A 37 -2.73 -11.46 8.26
C VAL A 37 -1.83 -10.47 7.53
N GLY A 38 -0.61 -10.90 7.24
CA GLY A 38 0.33 -10.03 6.55
C GLY A 38 -0.19 -9.56 5.21
N GLY A 39 0.23 -8.36 4.80
CA GLY A 39 -0.21 -7.81 3.53
C GLY A 39 0.91 -7.72 2.51
N ASN A 40 0.55 -7.47 1.26
CA ASN A 40 1.53 -7.37 0.19
C ASN A 40 2.48 -6.20 0.43
N SER A 41 3.18 -5.78 -0.62
CA SER A 41 4.12 -4.67 -0.52
C SER A 41 3.39 -3.34 -0.47
N ASN A 42 2.06 -3.39 -0.52
CA ASN A 42 1.24 -2.18 -0.49
C ASN A 42 0.86 -1.83 0.95
N ASN A 43 1.60 -2.37 1.91
CA ASN A 43 1.34 -2.12 3.32
C ASN A 43 2.51 -1.38 3.97
N PHE A 44 2.20 -0.28 4.64
CA PHE A 44 3.22 0.53 5.31
C PHE A 44 2.59 1.65 6.12
N LEU A 45 3.11 1.88 7.32
CA LEU A 45 2.59 2.92 8.20
C LEU A 45 3.01 4.30 7.70
N THR A 46 3.73 4.32 6.58
CA THR A 46 4.18 5.59 6.01
C THR A 46 3.17 6.12 5.00
N LYS A 47 3.25 7.42 4.72
CA LYS A 47 2.35 8.06 3.78
C LYS A 47 3.13 8.83 2.72
N GLU A 48 3.61 10.01 3.09
CA GLU A 48 4.38 10.85 2.16
C GLU A 48 5.51 10.05 1.53
N ASP A 49 6.23 9.28 2.34
CA ASP A 49 7.34 8.47 1.86
C ASP A 49 6.94 7.71 0.59
N CYS A 50 5.69 7.27 0.54
CA CYS A 50 5.18 6.53 -0.61
C CYS A 50 5.71 7.13 -1.91
N CYS A 51 5.42 8.41 -2.13
CA CYS A 51 5.87 9.10 -3.34
C CYS A 51 7.37 8.88 -3.56
N ARG A 52 8.15 9.14 -2.53
CA ARG A 52 9.60 8.98 -2.61
C ARG A 52 9.96 7.55 -2.99
N GLU A 53 9.24 6.59 -2.42
CA GLU A 53 9.49 5.18 -2.69
C GLU A 53 9.41 4.89 -4.18
N CYS A 54 8.55 5.62 -4.88
CA CYS A 54 8.37 5.44 -6.32
C CYS A 54 8.97 6.62 -7.08
N ALA A 55 9.36 7.66 -6.35
CA ALA A 55 9.95 8.84 -6.97
C ALA A 55 11.26 8.50 -7.67
N GLN A 56 11.82 7.34 -7.35
CA GLN A 56 13.07 6.89 -7.96
C GLN A 56 12.86 6.48 -9.40
N GLY A 57 11.62 6.18 -9.75
CA GLY A 57 11.30 5.77 -11.11
C GLY A 57 9.83 5.89 -11.43
N SER A 58 9.21 6.98 -10.97
CA SER A 58 7.79 7.21 -11.21
C SER A 58 7.35 8.55 -10.64
N CYS A 59 7.32 8.64 -9.31
CA CYS A 59 6.93 9.87 -8.64
C CYS A 59 7.94 10.98 -8.88
N LYS A 1 10.24 -4.47 -9.17
CA LYS A 1 9.65 -3.41 -9.99
C LYS A 1 8.14 -3.54 -10.03
N LYS A 2 7.47 -2.47 -10.46
CA LYS A 2 6.02 -2.45 -10.55
C LYS A 2 5.38 -2.63 -9.17
N LYS A 3 6.18 -2.43 -8.13
CA LYS A 3 5.70 -2.56 -6.77
C LYS A 3 4.63 -1.52 -6.46
N CYS A 4 4.64 -0.42 -7.22
CA CYS A 4 3.67 0.65 -7.03
C CYS A 4 2.28 0.19 -7.44
N GLN A 5 2.21 -0.89 -8.22
CA GLN A 5 0.94 -1.43 -8.67
C GLN A 5 0.56 -2.68 -7.89
N LEU A 6 0.25 -2.51 -6.61
CA LEU A 6 -0.12 -3.63 -5.75
C LEU A 6 -1.51 -3.44 -5.18
N PRO A 7 -2.44 -4.34 -5.55
CA PRO A 7 -3.83 -4.28 -5.09
C PRO A 7 -3.95 -4.63 -3.61
N SER A 8 -5.18 -4.82 -3.15
CA SER A 8 -5.44 -5.16 -1.75
C SER A 8 -4.69 -6.42 -1.34
N ASP A 9 -4.67 -6.70 -0.05
CA ASP A 9 -3.99 -7.87 0.48
C ASP A 9 -4.24 -8.02 1.97
N VAL A 10 -5.41 -7.60 2.43
CA VAL A 10 -5.77 -7.69 3.83
C VAL A 10 -5.44 -9.06 4.40
N GLY A 11 -5.78 -10.11 3.63
CA GLY A 11 -5.52 -11.46 4.07
C GLY A 11 -6.05 -11.73 5.48
N LYS A 12 -5.42 -12.67 6.17
CA LYS A 12 -5.84 -13.03 7.52
C LYS A 12 -5.59 -11.87 8.50
N GLY A 13 -5.51 -12.18 9.78
CA GLY A 13 -5.28 -11.16 10.78
C GLY A 13 -6.56 -10.47 11.23
N LYS A 14 -6.43 -9.57 12.18
CA LYS A 14 -7.60 -8.84 12.69
C LYS A 14 -8.31 -8.10 11.57
N ALA A 15 -7.55 -7.61 10.60
CA ALA A 15 -8.11 -6.89 9.48
C ALA A 15 -9.08 -5.82 9.95
N SER A 16 -8.60 -4.89 10.77
CA SER A 16 -9.43 -3.81 11.29
C SER A 16 -8.61 -2.54 11.48
N PHE A 17 -7.57 -2.38 10.67
CA PHE A 17 -6.71 -1.21 10.75
C PHE A 17 -6.69 -0.46 9.42
N THR A 18 -6.26 0.80 9.47
CA THR A 18 -6.20 1.64 8.28
C THR A 18 -4.76 1.86 7.84
N ARG A 19 -4.45 1.50 6.60
CA ARG A 19 -3.11 1.67 6.06
C ARG A 19 -3.15 2.47 4.75
N TYR A 20 -1.97 2.72 4.19
CA TYR A 20 -1.87 3.47 2.95
C TYR A 20 -1.32 2.60 1.83
N TYR A 21 -1.60 2.98 0.59
CA TYR A 21 -1.13 2.24 -0.57
C TYR A 21 -1.03 3.14 -1.79
N TYR A 22 0.08 3.02 -2.52
CA TYR A 22 0.31 3.82 -3.71
C TYR A 22 -0.07 3.05 -4.97
N ASN A 23 -0.60 3.77 -5.96
CA ASN A 23 -1.00 3.15 -7.22
C ASN A 23 -0.53 3.99 -8.41
N GLU A 24 -0.29 3.31 -9.53
CA GLU A 24 0.16 3.99 -10.74
C GLU A 24 -1.02 4.52 -11.56
N GLU A 25 -0.81 4.65 -12.86
CA GLU A 25 -1.86 5.15 -13.75
C GLU A 25 -2.21 6.60 -13.43
N SER A 26 -1.39 7.22 -12.59
CA SER A 26 -1.61 8.60 -12.20
C SER A 26 -0.65 9.02 -11.10
N GLY A 27 -0.19 8.05 -10.32
CA GLY A 27 0.73 8.33 -9.24
C GLY A 27 0.04 8.95 -8.04
N LYS A 28 -0.94 8.25 -7.49
CA LYS A 28 -1.68 8.74 -6.33
C LYS A 28 -1.65 7.72 -5.19
N CYS A 29 -2.00 8.18 -3.99
CA CYS A 29 -2.00 7.31 -2.83
C CYS A 29 -3.34 7.39 -2.10
N GLU A 30 -3.77 6.26 -1.53
CA GLU A 30 -5.03 6.20 -0.81
C GLU A 30 -4.89 5.39 0.47
N THR A 31 -6.01 5.18 1.16
CA THR A 31 -6.02 4.41 2.40
C THR A 31 -7.15 3.39 2.42
N PHE A 32 -6.91 2.25 3.06
CA PHE A 32 -7.90 1.20 3.15
C PHE A 32 -7.79 0.45 4.47
N ILE A 33 -8.66 -0.53 4.67
CA ILE A 33 -8.65 -1.33 5.89
C ILE A 33 -7.72 -2.53 5.77
N TYR A 34 -6.54 -2.42 6.37
CA TYR A 34 -5.55 -3.48 6.32
C TYR A 34 -5.34 -4.09 7.71
N GLY A 35 -4.93 -5.35 7.74
CA GLY A 35 -4.70 -6.04 9.00
C GLY A 35 -4.49 -7.53 8.83
N GLY A 36 -3.29 -7.90 8.38
CA GLY A 36 -2.98 -9.31 8.18
C GLY A 36 -1.51 -9.61 8.32
N VAL A 37 -1.04 -10.64 7.63
CA VAL A 37 0.37 -11.02 7.69
C VAL A 37 1.21 -10.15 6.78
N GLY A 38 2.51 -10.46 6.71
CA GLY A 38 3.40 -9.69 5.86
C GLY A 38 2.90 -9.57 4.44
N GLY A 39 2.35 -8.41 4.10
CA GLY A 39 1.84 -8.19 2.77
C GLY A 39 2.80 -7.38 1.90
N ASN A 40 2.48 -7.28 0.61
CA ASN A 40 3.32 -6.53 -0.32
C ASN A 40 3.51 -5.10 0.15
N SER A 41 4.16 -4.29 -0.68
CA SER A 41 4.41 -2.90 -0.35
C SER A 41 3.11 -2.10 -0.33
N ASN A 42 2.06 -2.70 -0.88
CA ASN A 42 0.76 -2.04 -0.93
C ASN A 42 0.28 -1.68 0.48
N ASN A 43 0.83 -2.37 1.48
CA ASN A 43 0.46 -2.11 2.87
C ASN A 43 1.49 -1.22 3.56
N PHE A 44 1.02 -0.17 4.21
CA PHE A 44 1.90 0.76 4.91
C PHE A 44 1.19 1.37 6.11
N LEU A 45 1.74 1.15 7.30
CA LEU A 45 1.17 1.68 8.52
C LEU A 45 1.46 3.18 8.65
N THR A 46 2.12 3.74 7.65
CA THR A 46 2.46 5.15 7.65
C THR A 46 2.02 5.82 6.36
N LYS A 47 2.10 7.15 6.32
CA LYS A 47 1.70 7.92 5.15
C LYS A 47 2.89 8.11 4.20
N GLU A 48 3.95 8.74 4.70
CA GLU A 48 5.14 8.99 3.90
C GLU A 48 5.63 7.69 3.25
N ASP A 49 5.61 6.60 4.01
CA ASP A 49 6.04 5.31 3.51
C ASP A 49 5.30 4.95 2.22
N CYS A 50 4.04 5.36 2.13
CA CYS A 50 3.22 5.08 0.97
C CYS A 50 3.96 5.46 -0.32
N CYS A 51 4.57 6.64 -0.32
CA CYS A 51 5.31 7.12 -1.47
C CYS A 51 6.41 6.14 -1.87
N ARG A 52 7.08 5.57 -0.87
CA ARG A 52 8.14 4.61 -1.10
C ARG A 52 7.75 3.60 -2.17
N GLU A 53 6.50 3.15 -2.11
CA GLU A 53 5.99 2.18 -3.08
C GLU A 53 6.26 2.63 -4.50
N CYS A 54 5.95 3.89 -4.79
CA CYS A 54 6.17 4.44 -6.13
C CYS A 54 7.50 5.19 -6.19
N ALA A 55 8.13 5.37 -5.04
CA ALA A 55 9.42 6.07 -4.96
C ALA A 55 10.52 5.26 -5.64
N GLN A 56 10.22 4.00 -5.95
CA GLN A 56 11.19 3.12 -6.60
C GLN A 56 11.32 3.47 -8.08
N GLY A 57 10.28 4.08 -8.63
CA GLY A 57 10.31 4.45 -10.04
C GLY A 57 9.27 5.50 -10.38
N SER A 58 9.15 6.51 -9.53
CA SER A 58 8.18 7.58 -9.74
C SER A 58 8.33 8.66 -8.68
N CYS A 59 7.95 8.33 -7.45
CA CYS A 59 8.05 9.27 -6.34
C CYS A 59 9.49 9.46 -5.90
N LYS A 1 10.41 -2.09 -10.81
CA LYS A 1 9.80 -1.69 -9.55
C LYS A 1 8.29 -1.79 -9.63
N LYS A 2 7.78 -2.98 -9.93
CA LYS A 2 6.34 -3.21 -10.03
C LYS A 2 5.71 -3.30 -8.65
N LYS A 3 6.53 -3.25 -7.61
CA LYS A 3 6.05 -3.33 -6.24
C LYS A 3 5.06 -2.19 -5.95
N CYS A 4 5.16 -1.12 -6.73
CA CYS A 4 4.28 0.03 -6.57
C CYS A 4 2.88 -0.28 -7.12
N GLN A 5 2.78 -1.33 -7.92
CA GLN A 5 1.51 -1.72 -8.51
C GLN A 5 1.03 -3.04 -7.92
N LEU A 6 0.57 -2.99 -6.67
CA LEU A 6 0.07 -4.18 -5.99
C LEU A 6 -1.41 -4.02 -5.62
N PRO A 7 -2.13 -5.15 -5.61
CA PRO A 7 -3.56 -5.16 -5.28
C PRO A 7 -3.81 -4.87 -3.81
N SER A 8 -5.06 -5.04 -3.39
CA SER A 8 -5.44 -4.80 -1.99
C SER A 8 -5.39 -6.09 -1.18
N ASP A 9 -5.68 -5.98 0.11
CA ASP A 9 -5.68 -7.13 1.00
C ASP A 9 -6.10 -6.73 2.41
N VAL A 10 -7.09 -7.45 2.94
CA VAL A 10 -7.61 -7.18 4.27
C VAL A 10 -6.94 -8.06 5.32
N GLY A 11 -6.73 -9.33 4.96
CA GLY A 11 -6.09 -10.27 5.87
C GLY A 11 -7.10 -11.05 6.67
N LYS A 12 -6.74 -12.30 7.00
CA LYS A 12 -7.63 -13.17 7.77
C LYS A 12 -7.36 -13.02 9.27
N GLY A 13 -6.19 -12.51 9.61
CA GLY A 13 -5.83 -12.31 11.01
C GLY A 13 -6.74 -11.32 11.70
N LYS A 14 -6.18 -10.59 12.68
CA LYS A 14 -6.96 -9.60 13.43
C LYS A 14 -6.89 -8.25 12.74
N ALA A 15 -6.88 -8.25 11.42
CA ALA A 15 -6.82 -7.01 10.64
C ALA A 15 -7.75 -5.95 11.24
N SER A 16 -7.25 -4.73 11.35
CA SER A 16 -8.03 -3.63 11.90
C SER A 16 -7.23 -2.33 11.90
N PHE A 17 -6.37 -2.19 10.89
CA PHE A 17 -5.54 -0.99 10.77
C PHE A 17 -5.49 -0.51 9.33
N THR A 18 -5.59 0.80 9.14
CA THR A 18 -5.55 1.39 7.81
C THR A 18 -4.12 1.75 7.40
N ARG A 19 -3.73 1.32 6.20
CA ARG A 19 -2.39 1.59 5.70
C ARG A 19 -2.45 2.33 4.36
N TYR A 20 -1.40 3.06 4.04
CA TYR A 20 -1.33 3.80 2.79
C TYR A 20 -0.62 3.00 1.71
N TYR A 21 -1.05 3.17 0.47
CA TYR A 21 -0.45 2.46 -0.66
C TYR A 21 -0.51 3.31 -1.93
N TYR A 22 0.60 3.34 -2.66
CA TYR A 22 0.68 4.10 -3.90
C TYR A 22 0.42 3.22 -5.11
N ASN A 23 -0.26 3.77 -6.10
CA ASN A 23 -0.58 3.04 -7.32
C ASN A 23 -0.24 3.85 -8.56
N GLU A 24 0.09 3.16 -9.65
CA GLU A 24 0.45 3.82 -10.90
C GLU A 24 -0.80 4.11 -11.73
N GLU A 25 -0.61 4.24 -13.04
CA GLU A 25 -1.73 4.51 -13.95
C GLU A 25 -2.32 5.89 -13.67
N SER A 26 -1.63 6.68 -12.85
CA SER A 26 -2.09 8.01 -12.51
C SER A 26 -1.21 8.64 -11.43
N GLY A 27 -0.59 7.78 -10.62
CA GLY A 27 0.28 8.26 -9.56
C GLY A 27 -0.50 8.81 -8.38
N LYS A 28 -1.35 7.97 -7.78
CA LYS A 28 -2.16 8.38 -6.64
C LYS A 28 -1.94 7.44 -5.46
N CYS A 29 -2.37 7.88 -4.28
CA CYS A 29 -2.23 7.07 -3.07
C CYS A 29 -3.56 6.99 -2.32
N GLU A 30 -3.84 5.81 -1.77
CA GLU A 30 -5.08 5.59 -1.03
C GLU A 30 -4.80 4.89 0.29
N THR A 31 -5.86 4.57 1.03
CA THR A 31 -5.73 3.90 2.32
C THR A 31 -6.72 2.74 2.43
N PHE A 32 -6.23 1.61 2.95
CA PHE A 32 -7.08 0.43 3.12
C PHE A 32 -6.75 -0.30 4.42
N ILE A 33 -7.68 -1.11 4.89
CA ILE A 33 -7.49 -1.85 6.12
C ILE A 33 -6.64 -3.09 5.89
N TYR A 34 -5.42 -3.07 6.42
CA TYR A 34 -4.50 -4.19 6.27
C TYR A 34 -4.67 -5.20 7.40
N GLY A 35 -4.18 -6.42 7.19
CA GLY A 35 -4.28 -7.44 8.21
C GLY A 35 -2.94 -8.04 8.56
N GLY A 36 -2.95 -9.07 9.41
CA GLY A 36 -1.72 -9.72 9.81
C GLY A 36 -1.15 -10.62 8.72
N VAL A 37 -1.99 -10.98 7.77
CA VAL A 37 -1.58 -11.84 6.67
C VAL A 37 -0.84 -11.05 5.60
N GLY A 38 0.28 -11.59 5.13
CA GLY A 38 1.06 -10.92 4.11
C GLY A 38 0.26 -10.66 2.85
N GLY A 39 -0.25 -9.43 2.72
CA GLY A 39 -1.03 -9.08 1.55
C GLY A 39 -0.34 -8.05 0.69
N ASN A 40 -0.02 -8.43 -0.55
CA ASN A 40 0.65 -7.54 -1.48
C ASN A 40 1.85 -6.86 -0.82
N SER A 41 2.38 -5.84 -1.47
CA SER A 41 3.53 -5.11 -0.95
C SER A 41 3.30 -3.61 -1.02
N ASN A 42 2.05 -3.20 -1.24
CA ASN A 42 1.70 -1.80 -1.33
C ASN A 42 1.34 -1.24 0.04
N ASN A 43 0.90 -2.11 0.93
CA ASN A 43 0.52 -1.71 2.28
C ASN A 43 1.70 -1.08 3.01
N PHE A 44 1.47 0.08 3.61
CA PHE A 44 2.51 0.79 4.35
C PHE A 44 1.95 1.45 5.59
N LEU A 45 2.56 1.17 6.74
CA LEU A 45 2.12 1.74 8.01
C LEU A 45 2.51 3.22 8.10
N THR A 46 3.15 3.73 7.05
CA THR A 46 3.57 5.12 7.02
C THR A 46 2.83 5.89 5.92
N LYS A 47 2.77 7.21 6.07
CA LYS A 47 2.10 8.06 5.10
C LYS A 47 3.04 8.43 3.96
N GLU A 48 3.98 9.34 4.25
CA GLU A 48 4.94 9.77 3.25
C GLU A 48 5.56 8.58 2.52
N ASP A 49 5.91 7.54 3.28
CA ASP A 49 6.51 6.35 2.71
C ASP A 49 5.72 5.86 1.50
N CYS A 50 4.41 6.05 1.54
CA CYS A 50 3.54 5.64 0.44
C CYS A 50 4.13 6.06 -0.90
N CYS A 51 4.39 7.35 -1.05
CA CYS A 51 4.96 7.88 -2.29
C CYS A 51 6.32 7.25 -2.57
N ARG A 52 7.08 6.99 -1.52
CA ARG A 52 8.40 6.39 -1.66
C ARG A 52 8.35 5.13 -2.51
N GLU A 53 7.28 4.34 -2.34
CA GLU A 53 7.10 3.11 -3.08
C GLU A 53 7.28 3.36 -4.58
N CYS A 54 6.73 4.49 -5.06
CA CYS A 54 6.83 4.84 -6.47
C CYS A 54 7.88 5.92 -6.68
N ALA A 55 8.32 6.54 -5.60
CA ALA A 55 9.33 7.60 -5.67
C ALA A 55 10.65 7.06 -6.21
N GLN A 56 10.78 5.74 -6.22
CA GLN A 56 11.99 5.09 -6.71
C GLN A 56 12.13 5.28 -8.22
N GLY A 57 11.01 5.41 -8.91
CA GLY A 57 11.03 5.60 -10.35
C GLY A 57 9.71 6.10 -10.89
N SER A 58 9.14 7.10 -10.23
CA SER A 58 7.87 7.67 -10.65
C SER A 58 7.48 8.86 -9.77
N CYS A 59 7.13 8.56 -8.52
CA CYS A 59 6.73 9.60 -7.58
C CYS A 59 7.93 10.47 -7.19
N LYS A 1 10.89 -1.86 -9.93
CA LYS A 1 9.98 -1.10 -9.07
C LYS A 1 8.54 -1.31 -9.49
N LYS A 2 8.16 -2.56 -9.72
CA LYS A 2 6.80 -2.89 -10.14
C LYS A 2 5.91 -3.15 -8.91
N LYS A 3 6.42 -2.83 -7.74
CA LYS A 3 5.68 -3.03 -6.50
C LYS A 3 4.65 -1.92 -6.30
N CYS A 4 4.73 -0.89 -7.12
CA CYS A 4 3.81 0.24 -7.03
C CYS A 4 2.42 -0.17 -7.49
N GLN A 5 2.35 -1.21 -8.32
CA GLN A 5 1.07 -1.69 -8.83
C GLN A 5 0.70 -3.03 -8.18
N LEU A 6 0.28 -2.97 -6.92
CA LEU A 6 -0.10 -4.17 -6.19
C LEU A 6 -1.58 -4.10 -5.78
N PRO A 7 -2.30 -5.21 -6.00
CA PRO A 7 -3.72 -5.31 -5.67
C PRO A 7 -3.96 -5.34 -4.15
N SER A 8 -4.65 -4.31 -3.65
CA SER A 8 -4.94 -4.22 -2.22
C SER A 8 -5.55 -5.52 -1.70
N ASP A 9 -5.61 -5.66 -0.39
CA ASP A 9 -6.18 -6.85 0.23
C ASP A 9 -6.30 -6.67 1.75
N VAL A 10 -7.52 -6.50 2.22
CA VAL A 10 -7.77 -6.33 3.65
C VAL A 10 -7.41 -7.58 4.43
N GLY A 11 -7.57 -8.73 3.80
CA GLY A 11 -7.25 -10.00 4.45
C GLY A 11 -8.26 -10.37 5.52
N LYS A 12 -7.86 -11.25 6.43
CA LYS A 12 -8.73 -11.67 7.51
C LYS A 12 -8.03 -11.57 8.86
N GLY A 13 -8.69 -12.05 9.91
CA GLY A 13 -8.12 -11.99 11.24
C GLY A 13 -8.64 -10.83 12.06
N LYS A 14 -7.77 -10.26 12.89
CA LYS A 14 -8.15 -9.13 13.72
C LYS A 14 -7.86 -7.80 13.02
N ALA A 15 -7.86 -7.84 11.69
CA ALA A 15 -7.60 -6.64 10.89
C ALA A 15 -8.40 -5.45 11.42
N SER A 16 -7.69 -4.42 11.88
CA SER A 16 -8.34 -3.22 12.40
C SER A 16 -7.42 -2.02 12.29
N PHE A 17 -6.39 -2.14 11.46
CA PHE A 17 -5.43 -1.05 11.26
C PHE A 17 -5.55 -0.47 9.85
N THR A 18 -5.14 0.78 9.70
CA THR A 18 -5.20 1.45 8.41
C THR A 18 -3.80 1.64 7.82
N ARG A 19 -3.67 1.35 6.54
CA ARG A 19 -2.39 1.49 5.85
C ARG A 19 -2.54 2.27 4.55
N TYR A 20 -1.42 2.70 3.99
CA TYR A 20 -1.43 3.47 2.75
C TYR A 20 -1.02 2.60 1.56
N TYR A 21 -1.69 2.78 0.44
CA TYR A 21 -1.39 2.02 -0.77
C TYR A 21 -1.27 2.94 -1.98
N TYR A 22 -0.14 2.83 -2.67
CA TYR A 22 0.11 3.66 -3.85
C TYR A 22 -0.13 2.86 -5.13
N ASN A 23 -0.66 3.53 -6.14
CA ASN A 23 -0.94 2.88 -7.42
C ASN A 23 -0.46 3.75 -8.59
N GLU A 24 0.33 3.15 -9.47
CA GLU A 24 0.86 3.86 -10.62
C GLU A 24 -0.22 4.06 -11.68
N GLU A 25 -1.14 3.11 -11.77
CA GLU A 25 -2.22 3.17 -12.75
C GLU A 25 -2.80 4.58 -12.82
N SER A 26 -2.86 5.25 -11.67
CA SER A 26 -3.40 6.60 -11.61
C SER A 26 -2.39 7.56 -10.96
N GLY A 27 -1.30 6.99 -10.45
CA GLY A 27 -0.27 7.80 -9.81
C GLY A 27 -0.78 8.49 -8.55
N LYS A 28 -1.68 7.82 -7.84
CA LYS A 28 -2.24 8.37 -6.61
C LYS A 28 -2.07 7.39 -5.45
N CYS A 29 -2.39 7.85 -4.25
CA CYS A 29 -2.28 7.01 -3.06
C CYS A 29 -3.59 7.00 -2.27
N GLU A 30 -3.89 5.87 -1.65
CA GLU A 30 -5.11 5.72 -0.88
C GLU A 30 -4.84 5.04 0.45
N THR A 31 -5.89 4.79 1.22
CA THR A 31 -5.77 4.14 2.52
C THR A 31 -6.85 3.08 2.71
N PHE A 32 -6.47 1.96 3.33
CA PHE A 32 -7.41 0.88 3.59
C PHE A 32 -7.11 0.21 4.92
N ILE A 33 -7.84 -0.87 5.20
CA ILE A 33 -7.66 -1.60 6.45
C ILE A 33 -6.81 -2.85 6.24
N TYR A 34 -5.71 -2.94 6.99
CA TYR A 34 -4.80 -4.07 6.88
C TYR A 34 -5.11 -5.12 7.96
N GLY A 35 -4.77 -6.37 7.67
CA GLY A 35 -5.02 -7.44 8.62
C GLY A 35 -3.74 -8.17 9.00
N GLY A 36 -3.87 -9.13 9.91
CA GLY A 36 -2.71 -9.89 10.36
C GLY A 36 -2.15 -10.77 9.26
N VAL A 37 -2.89 -10.91 8.17
CA VAL A 37 -2.46 -11.73 7.05
C VAL A 37 -1.44 -10.99 6.18
N GLY A 38 -0.62 -11.75 5.46
CA GLY A 38 0.38 -11.15 4.60
C GLY A 38 -0.21 -10.18 3.60
N GLY A 39 0.36 -8.98 3.53
CA GLY A 39 -0.14 -7.97 2.60
C GLY A 39 0.80 -7.76 1.43
N ASN A 40 0.33 -7.03 0.42
CA ASN A 40 1.13 -6.75 -0.76
C ASN A 40 2.39 -5.98 -0.39
N SER A 41 3.08 -5.46 -1.41
CA SER A 41 4.31 -4.71 -1.18
C SER A 41 4.03 -3.22 -1.11
N ASN A 42 2.75 -2.85 -1.24
CA ASN A 42 2.34 -1.46 -1.20
C ASN A 42 1.81 -1.09 0.18
N ASN A 43 2.11 -1.93 1.17
CA ASN A 43 1.66 -1.70 2.54
C ASN A 43 2.65 -0.83 3.29
N PHE A 44 2.15 0.24 3.90
CA PHE A 44 2.99 1.16 4.66
C PHE A 44 2.21 1.78 5.82
N LEU A 45 2.78 1.69 7.01
CA LEU A 45 2.13 2.25 8.20
C LEU A 45 2.35 3.75 8.28
N THR A 46 2.90 4.34 7.22
CA THR A 46 3.16 5.76 7.17
C THR A 46 2.51 6.40 5.94
N LYS A 47 2.28 7.71 6.01
CA LYS A 47 1.67 8.43 4.91
C LYS A 47 2.68 8.71 3.81
N GLU A 48 3.65 9.58 4.10
CA GLU A 48 4.68 9.93 3.13
C GLU A 48 5.33 8.67 2.55
N ASP A 49 5.59 7.70 3.42
CA ASP A 49 6.21 6.45 2.99
C ASP A 49 5.46 5.84 1.81
N CYS A 50 4.16 6.06 1.77
CA CYS A 50 3.32 5.54 0.70
C CYS A 50 3.95 5.81 -0.67
N CYS A 51 4.33 7.06 -0.90
CA CYS A 51 4.94 7.47 -2.15
C CYS A 51 6.22 6.67 -2.41
N ARG A 52 6.99 6.46 -1.35
CA ARG A 52 8.24 5.71 -1.45
C ARG A 52 8.08 4.50 -2.37
N GLU A 53 6.93 3.83 -2.25
CA GLU A 53 6.66 2.65 -3.07
C GLU A 53 6.84 2.96 -4.55
N CYS A 54 6.20 4.02 -5.01
CA CYS A 54 6.29 4.42 -6.41
C CYS A 54 7.39 5.46 -6.61
N ALA A 55 7.98 5.91 -5.51
CA ALA A 55 9.04 6.89 -5.55
C ALA A 55 10.26 6.36 -6.30
N GLN A 56 10.43 5.04 -6.26
CA GLN A 56 11.55 4.39 -6.93
C GLN A 56 11.46 4.56 -8.45
N GLY A 57 10.25 4.89 -8.93
CA GLY A 57 10.05 5.08 -10.35
C GLY A 57 9.70 6.51 -10.70
N SER A 58 8.46 6.89 -10.45
CA SER A 58 7.99 8.25 -10.75
C SER A 58 7.38 8.90 -9.52
N CYS A 59 6.17 8.49 -9.18
CA CYS A 59 5.47 9.04 -8.01
C CYS A 59 5.30 10.55 -8.14
N LYS A 1 9.67 -3.86 -10.08
CA LYS A 1 9.35 -3.17 -8.84
C LYS A 1 7.84 -2.93 -8.73
N LYS A 2 7.07 -4.02 -8.75
CA LYS A 2 5.63 -3.92 -8.65
C LYS A 2 5.19 -3.80 -7.19
N LYS A 3 6.16 -3.77 -6.29
CA LYS A 3 5.87 -3.66 -4.87
C LYS A 3 5.48 -2.22 -4.51
N CYS A 4 5.61 -1.32 -5.47
CA CYS A 4 5.26 0.07 -5.26
C CYS A 4 3.91 0.40 -5.90
N GLN A 5 3.25 -0.62 -6.43
CA GLN A 5 1.95 -0.44 -7.06
C GLN A 5 1.11 -1.70 -6.95
N LEU A 6 0.56 -1.93 -5.76
CA LEU A 6 -0.27 -3.10 -5.52
C LEU A 6 -1.75 -2.71 -5.40
N PRO A 7 -2.63 -3.62 -5.86
CA PRO A 7 -4.08 -3.39 -5.82
C PRO A 7 -4.64 -3.42 -4.39
N SER A 8 -3.73 -3.49 -3.42
CA SER A 8 -4.14 -3.54 -2.01
C SER A 8 -4.94 -4.79 -1.72
N ASP A 9 -4.95 -5.18 -0.45
CA ASP A 9 -5.69 -6.37 -0.03
C ASP A 9 -5.97 -6.33 1.47
N VAL A 10 -7.25 -6.27 1.83
CA VAL A 10 -7.65 -6.22 3.23
C VAL A 10 -7.22 -7.48 3.96
N GLY A 11 -7.39 -8.63 3.30
CA GLY A 11 -7.02 -9.89 3.91
C GLY A 11 -7.70 -10.13 5.24
N LYS A 12 -7.45 -11.28 5.84
CA LYS A 12 -8.04 -11.63 7.13
C LYS A 12 -6.98 -11.74 8.22
N GLY A 13 -7.42 -11.98 9.44
CA GLY A 13 -6.48 -12.11 10.56
C GLY A 13 -7.06 -11.57 11.85
N LYS A 14 -6.22 -11.51 12.88
CA LYS A 14 -6.66 -11.02 14.19
C LYS A 14 -6.36 -9.53 14.33
N ALA A 15 -6.19 -8.85 13.20
CA ALA A 15 -5.90 -7.42 13.20
C ALA A 15 -7.00 -6.64 12.49
N SER A 16 -6.85 -5.33 12.45
CA SER A 16 -7.83 -4.47 11.79
C SER A 16 -7.38 -3.01 11.83
N PHE A 17 -6.20 -2.74 11.27
CA PHE A 17 -5.66 -1.40 11.24
C PHE A 17 -5.52 -0.90 9.81
N THR A 18 -5.95 0.33 9.57
CA THR A 18 -5.87 0.92 8.24
C THR A 18 -4.43 1.26 7.87
N ARG A 19 -4.04 0.92 6.66
CA ARG A 19 -2.68 1.19 6.19
C ARG A 19 -2.71 1.92 4.84
N TYR A 20 -1.56 2.46 4.45
CA TYR A 20 -1.45 3.19 3.19
C TYR A 20 -0.76 2.33 2.12
N TYR A 21 -1.03 2.63 0.86
CA TYR A 21 -0.44 1.90 -0.26
C TYR A 21 -0.43 2.74 -1.52
N TYR A 22 0.63 2.60 -2.31
CA TYR A 22 0.78 3.34 -3.55
C TYR A 22 0.26 2.53 -4.73
N ASN A 23 -0.35 3.22 -5.70
CA ASN A 23 -0.88 2.57 -6.88
C ASN A 23 -0.41 3.27 -8.15
N GLU A 24 -0.19 2.49 -9.21
CA GLU A 24 0.25 3.04 -10.49
C GLU A 24 -0.93 3.53 -11.32
N GLU A 25 -0.73 3.62 -12.63
CA GLU A 25 -1.78 4.07 -13.53
C GLU A 25 -2.13 5.53 -13.28
N SER A 26 -1.32 6.20 -12.46
CA SER A 26 -1.54 7.59 -12.13
C SER A 26 -0.54 8.07 -11.07
N GLY A 27 -0.07 7.14 -10.26
CA GLY A 27 0.89 7.48 -9.22
C GLY A 27 0.23 8.14 -8.03
N LYS A 28 -0.75 7.46 -7.44
CA LYS A 28 -1.45 7.99 -6.28
C LYS A 28 -1.40 7.01 -5.11
N CYS A 29 -1.74 7.50 -3.93
CA CYS A 29 -1.74 6.67 -2.73
C CYS A 29 -3.11 6.66 -2.06
N GLU A 30 -3.47 5.52 -1.48
CA GLU A 30 -4.76 5.38 -0.80
C GLU A 30 -4.60 4.65 0.52
N THR A 31 -5.72 4.40 1.19
CA THR A 31 -5.71 3.70 2.47
C THR A 31 -6.77 2.62 2.52
N PHE A 32 -6.43 1.50 3.17
CA PHE A 32 -7.36 0.38 3.28
C PHE A 32 -7.23 -0.29 4.65
N ILE A 33 -8.22 -1.11 4.99
CA ILE A 33 -8.22 -1.81 6.27
C ILE A 33 -7.33 -3.04 6.22
N TYR A 34 -6.26 -3.02 7.02
CA TYR A 34 -5.33 -4.14 7.08
C TYR A 34 -5.63 -5.05 8.26
N GLY A 35 -5.24 -6.31 8.14
CA GLY A 35 -5.47 -7.27 9.21
C GLY A 35 -4.29 -8.20 9.42
N GLY A 36 -4.43 -9.44 8.95
CA GLY A 36 -3.36 -10.41 9.10
C GLY A 36 -2.69 -10.74 7.79
N VAL A 37 -3.12 -11.83 7.16
CA VAL A 37 -2.56 -12.25 5.88
C VAL A 37 -3.34 -11.66 4.71
N GLY A 38 -2.64 -10.90 3.87
CA GLY A 38 -3.29 -10.30 2.71
C GLY A 38 -2.54 -10.56 1.42
N GLY A 39 -3.26 -10.60 0.32
CA GLY A 39 -2.65 -10.85 -0.97
C GLY A 39 -2.01 -9.60 -1.55
N ASN A 40 -0.68 -9.58 -1.59
CA ASN A 40 0.05 -8.44 -2.13
C ASN A 40 -0.11 -7.21 -1.23
N SER A 41 -0.19 -6.04 -1.84
CA SER A 41 -0.33 -4.79 -1.09
C SER A 41 0.96 -4.45 -0.34
N ASN A 42 1.61 -3.38 -0.78
CA ASN A 42 2.85 -2.95 -0.16
C ASN A 42 2.63 -2.59 1.31
N ASN A 43 1.56 -1.86 1.58
CA ASN A 43 1.22 -1.45 2.93
C ASN A 43 2.33 -0.57 3.52
N PHE A 44 1.97 0.28 4.48
CA PHE A 44 2.92 1.18 5.12
C PHE A 44 2.24 2.02 6.19
N LEU A 45 2.87 2.09 7.36
CA LEU A 45 2.32 2.86 8.47
C LEU A 45 2.59 4.35 8.28
N THR A 46 3.11 4.71 7.11
CA THR A 46 3.41 6.10 6.80
C THR A 46 2.49 6.62 5.71
N LYS A 47 2.67 7.89 5.34
CA LYS A 47 1.86 8.51 4.30
C LYS A 47 2.73 9.03 3.16
N GLU A 48 3.52 10.06 3.44
CA GLU A 48 4.40 10.65 2.44
C GLU A 48 5.32 9.58 1.84
N ASP A 49 5.93 8.78 2.69
CA ASP A 49 6.83 7.73 2.24
C ASP A 49 6.17 6.88 1.15
N CYS A 50 4.84 6.80 1.20
CA CYS A 50 4.09 6.02 0.22
C CYS A 50 4.61 6.28 -1.20
N CYS A 51 4.64 7.55 -1.58
CA CYS A 51 5.11 7.93 -2.91
C CYS A 51 6.57 7.50 -3.12
N ARG A 52 7.36 7.60 -2.06
CA ARG A 52 8.77 7.22 -2.13
C ARG A 52 8.92 5.77 -2.58
N GLU A 53 8.03 4.91 -2.10
CA GLU A 53 8.05 3.49 -2.46
C GLU A 53 8.07 3.31 -3.97
N CYS A 54 7.44 4.24 -4.68
CA CYS A 54 7.38 4.18 -6.13
C CYS A 54 8.19 5.31 -6.76
N ALA A 55 8.58 6.27 -5.93
CA ALA A 55 9.35 7.42 -6.40
C ALA A 55 10.70 6.96 -6.97
N GLN A 56 11.09 5.74 -6.63
CA GLN A 56 12.35 5.19 -7.11
C GLN A 56 12.29 4.87 -8.60
N GLY A 57 11.07 4.71 -9.11
CA GLY A 57 10.89 4.41 -10.52
C GLY A 57 9.47 4.66 -10.99
N SER A 58 8.91 5.80 -10.59
CA SER A 58 7.54 6.15 -10.96
C SER A 58 7.17 7.52 -10.43
N CYS A 59 7.01 7.62 -9.11
CA CYS A 59 6.65 8.87 -8.47
C CYS A 59 7.84 9.83 -8.43
N LYS A 1 8.13 -2.36 -11.57
CA LYS A 1 7.69 -2.04 -10.22
C LYS A 1 6.26 -2.50 -9.98
N LYS A 2 6.08 -3.82 -9.90
CA LYS A 2 4.76 -4.40 -9.68
C LYS A 2 4.37 -4.30 -8.21
N LYS A 3 5.28 -3.79 -7.39
CA LYS A 3 5.03 -3.65 -5.96
C LYS A 3 4.49 -2.26 -5.64
N CYS A 4 3.98 -1.59 -6.66
CA CYS A 4 3.43 -0.24 -6.49
C CYS A 4 1.98 -0.19 -6.97
N GLN A 5 1.43 -1.35 -7.29
CA GLN A 5 0.05 -1.44 -7.76
C GLN A 5 -0.69 -2.58 -7.08
N LEU A 6 -0.73 -2.55 -5.75
CA LEU A 6 -1.40 -3.59 -4.97
C LEU A 6 -2.54 -2.99 -4.15
N PRO A 7 -3.70 -2.78 -4.82
CA PRO A 7 -4.89 -2.22 -4.18
C PRO A 7 -5.52 -3.18 -3.18
N SER A 8 -6.40 -4.05 -3.69
CA SER A 8 -7.08 -5.02 -2.85
C SER A 8 -6.08 -6.01 -2.24
N ASP A 9 -6.14 -6.15 -0.91
CA ASP A 9 -5.24 -7.06 -0.21
C ASP A 9 -5.57 -7.10 1.28
N VAL A 10 -6.86 -6.94 1.60
CA VAL A 10 -7.31 -6.96 2.99
C VAL A 10 -6.71 -8.14 3.74
N GLY A 11 -6.65 -9.30 3.08
CA GLY A 11 -6.09 -10.48 3.71
C GLY A 11 -6.69 -10.76 5.06
N LYS A 12 -5.98 -11.51 5.89
CA LYS A 12 -6.45 -11.85 7.23
C LYS A 12 -5.40 -11.50 8.28
N GLY A 13 -5.69 -11.86 9.53
CA GLY A 13 -4.76 -11.57 10.61
C GLY A 13 -5.45 -10.92 11.81
N LYS A 14 -6.75 -10.73 11.71
CA LYS A 14 -7.53 -10.12 12.78
C LYS A 14 -6.86 -8.84 13.26
N ALA A 15 -6.10 -8.20 12.38
CA ALA A 15 -5.42 -6.96 12.72
C ALA A 15 -6.08 -5.77 12.03
N SER A 16 -7.32 -5.49 12.42
CA SER A 16 -8.07 -4.38 11.84
C SER A 16 -7.27 -3.08 11.93
N PHE A 17 -6.66 -2.69 10.81
CA PHE A 17 -5.86 -1.47 10.77
C PHE A 17 -5.74 -0.96 9.33
N THR A 18 -5.75 0.37 9.18
CA THR A 18 -5.64 0.98 7.87
C THR A 18 -4.27 1.63 7.68
N ARG A 19 -3.68 1.43 6.50
CA ARG A 19 -2.37 2.00 6.20
C ARG A 19 -2.41 2.79 4.89
N TYR A 20 -1.25 3.27 4.46
CA TYR A 20 -1.16 4.03 3.22
C TYR A 20 -0.36 3.28 2.17
N TYR A 21 -0.95 3.10 0.99
CA TYR A 21 -0.30 2.40 -0.10
C TYR A 21 -0.32 3.24 -1.38
N TYR A 22 0.60 2.93 -2.29
CA TYR A 22 0.69 3.65 -3.56
C TYR A 22 0.18 2.79 -4.71
N ASN A 23 -0.49 3.42 -5.66
CA ASN A 23 -1.02 2.72 -6.82
C ASN A 23 -0.45 3.29 -8.12
N GLU A 24 0.13 2.42 -8.94
CA GLU A 24 0.71 2.85 -10.21
C GLU A 24 -0.36 3.04 -11.26
N GLU A 25 -1.41 2.22 -11.18
CA GLU A 25 -2.51 2.30 -12.13
C GLU A 25 -2.94 3.74 -12.35
N SER A 26 -2.86 4.54 -11.29
CA SER A 26 -3.24 5.95 -11.37
C SER A 26 -2.09 6.86 -10.94
N GLY A 27 -1.04 6.24 -10.41
CA GLY A 27 0.12 7.01 -9.99
C GLY A 27 -0.18 7.88 -8.78
N LYS A 28 -1.10 7.43 -7.94
CA LYS A 28 -1.49 8.19 -6.75
C LYS A 28 -1.37 7.32 -5.50
N CYS A 29 -1.54 7.95 -4.34
CA CYS A 29 -1.45 7.24 -3.07
C CYS A 29 -2.73 7.42 -2.25
N GLU A 30 -3.10 6.39 -1.51
CA GLU A 30 -4.30 6.43 -0.67
C GLU A 30 -4.18 5.49 0.51
N THR A 31 -5.27 5.34 1.25
CA THR A 31 -5.29 4.45 2.42
C THR A 31 -6.09 3.19 2.13
N PHE A 32 -5.76 2.12 2.86
CA PHE A 32 -6.44 0.85 2.69
C PHE A 32 -6.44 0.05 3.99
N ILE A 33 -7.34 -0.92 4.08
CA ILE A 33 -7.44 -1.76 5.27
C ILE A 33 -6.52 -2.98 5.16
N TYR A 34 -5.56 -3.07 6.06
CA TYR A 34 -4.62 -4.19 6.07
C TYR A 34 -4.81 -5.06 7.30
N GLY A 35 -4.40 -6.33 7.20
CA GLY A 35 -4.56 -7.25 8.31
C GLY A 35 -3.23 -7.53 9.01
N GLY A 36 -2.89 -8.81 9.13
CA GLY A 36 -1.65 -9.18 9.79
C GLY A 36 -1.06 -10.45 9.20
N VAL A 37 -1.56 -10.86 8.05
CA VAL A 37 -1.07 -12.07 7.39
C VAL A 37 -0.15 -11.72 6.23
N GLY A 38 0.58 -12.72 5.73
CA GLY A 38 1.49 -12.50 4.63
C GLY A 38 0.77 -12.24 3.32
N GLY A 39 0.38 -10.99 3.10
CA GLY A 39 -0.33 -10.63 1.88
C GLY A 39 0.36 -9.52 1.12
N ASN A 40 -0.10 -9.27 -0.10
CA ASN A 40 0.48 -8.23 -0.94
C ASN A 40 0.25 -6.85 -0.32
N SER A 41 -0.07 -5.87 -1.17
CA SER A 41 -0.32 -4.51 -0.71
C SER A 41 0.97 -3.86 -0.21
N ASN A 42 1.45 -2.87 -0.95
CA ASN A 42 2.67 -2.17 -0.59
C ASN A 42 2.38 -1.00 0.34
N ASN A 43 1.36 -1.17 1.18
CA ASN A 43 0.97 -0.13 2.13
C ASN A 43 2.13 0.19 3.08
N PHE A 44 1.83 0.98 4.12
CA PHE A 44 2.84 1.37 5.10
C PHE A 44 2.21 2.17 6.23
N LEU A 45 2.79 2.04 7.42
CA LEU A 45 2.29 2.76 8.60
C LEU A 45 2.63 4.24 8.52
N THR A 46 3.28 4.64 7.42
CA THR A 46 3.66 6.03 7.23
C THR A 46 2.84 6.67 6.12
N LYS A 47 3.02 7.98 5.93
CA LYS A 47 2.30 8.71 4.90
C LYS A 47 3.23 9.09 3.75
N GLU A 48 4.09 10.07 4.00
CA GLU A 48 5.03 10.53 2.98
C GLU A 48 5.82 9.36 2.39
N ASP A 49 6.25 8.46 3.27
CA ASP A 49 7.02 7.29 2.85
C ASP A 49 6.33 6.58 1.69
N CYS A 50 5.00 6.63 1.67
CA CYS A 50 4.22 6.00 0.61
C CYS A 50 4.81 6.30 -0.76
N CYS A 51 4.98 7.59 -1.06
CA CYS A 51 5.55 8.01 -2.33
C CYS A 51 6.95 7.44 -2.52
N ARG A 52 7.71 7.41 -1.44
CA ARG A 52 9.08 6.90 -1.49
C ARG A 52 9.11 5.48 -2.05
N GLU A 53 8.12 4.68 -1.69
CA GLU A 53 8.04 3.31 -2.16
C GLU A 53 8.09 3.25 -3.68
N CYS A 54 7.53 4.26 -4.33
CA CYS A 54 7.52 4.34 -5.79
C CYS A 54 8.43 5.46 -6.28
N ALA A 55 8.96 6.23 -5.35
CA ALA A 55 9.85 7.34 -5.69
C ALA A 55 11.17 6.83 -6.24
N GLN A 56 11.41 5.53 -6.10
CA GLN A 56 12.64 4.92 -6.58
C GLN A 56 12.59 4.71 -8.09
N GLY A 57 11.39 4.69 -8.65
CA GLY A 57 11.22 4.49 -10.08
C GLY A 57 9.86 4.93 -10.57
N SER A 58 9.39 6.06 -10.06
CA SER A 58 8.08 6.59 -10.46
C SER A 58 7.83 7.95 -9.82
N CYS A 59 7.63 7.96 -8.51
CA CYS A 59 7.37 9.18 -7.77
C CYS A 59 8.66 10.00 -7.62
N LYS A 1 10.21 -1.32 -9.88
CA LYS A 1 9.34 -0.45 -9.09
C LYS A 1 7.88 -0.79 -9.34
N LYS A 2 7.59 -2.09 -9.42
CA LYS A 2 6.22 -2.55 -9.65
C LYS A 2 5.53 -2.87 -8.33
N LYS A 3 6.06 -2.32 -7.24
CA LYS A 3 5.49 -2.54 -5.92
C LYS A 3 4.19 -1.77 -5.75
N CYS A 4 4.18 -0.52 -6.21
CA CYS A 4 2.99 0.33 -6.12
C CYS A 4 1.87 -0.22 -6.98
N GLN A 5 2.20 -1.16 -7.85
CA GLN A 5 1.21 -1.76 -8.74
C GLN A 5 0.81 -3.15 -8.25
N LEU A 6 0.26 -3.21 -7.04
CA LEU A 6 -0.17 -4.48 -6.45
C LEU A 6 -1.66 -4.46 -6.15
N PRO A 7 -2.31 -5.61 -6.34
CA PRO A 7 -3.75 -5.76 -6.09
C PRO A 7 -4.09 -5.70 -4.60
N SER A 8 -5.31 -6.06 -4.26
CA SER A 8 -5.77 -6.05 -2.88
C SER A 8 -5.01 -7.08 -2.05
N ASP A 9 -5.27 -7.10 -0.74
CA ASP A 9 -4.62 -8.03 0.16
C ASP A 9 -5.16 -7.89 1.58
N VAL A 10 -6.44 -7.55 1.69
CA VAL A 10 -7.08 -7.38 3.00
C VAL A 10 -6.78 -8.57 3.90
N GLY A 11 -6.65 -9.74 3.31
CA GLY A 11 -6.37 -10.94 4.09
C GLY A 11 -7.31 -11.10 5.26
N LYS A 12 -6.91 -11.91 6.24
CA LYS A 12 -7.74 -12.16 7.42
C LYS A 12 -6.97 -11.83 8.69
N GLY A 13 -7.67 -11.83 9.81
CA GLY A 13 -7.04 -11.54 11.09
C GLY A 13 -7.83 -10.52 11.90
N LYS A 14 -7.19 -9.97 12.93
CA LYS A 14 -7.83 -8.99 13.79
C LYS A 14 -8.51 -7.89 12.96
N ALA A 15 -7.92 -7.59 11.81
CA ALA A 15 -8.46 -6.57 10.92
C ALA A 15 -8.90 -5.33 11.72
N SER A 16 -7.98 -4.42 11.94
CA SER A 16 -8.27 -3.19 12.69
C SER A 16 -7.15 -2.17 12.52
N PHE A 17 -6.54 -2.16 11.34
CA PHE A 17 -5.46 -1.22 11.06
C PHE A 17 -5.51 -0.75 9.61
N THR A 18 -5.46 0.57 9.42
CA THR A 18 -5.50 1.15 8.09
C THR A 18 -4.10 1.40 7.54
N ARG A 19 -3.86 0.93 6.32
CA ARG A 19 -2.55 1.09 5.69
C ARG A 19 -2.68 1.88 4.39
N TYR A 20 -1.59 2.54 4.00
CA TYR A 20 -1.59 3.34 2.77
C TYR A 20 -1.06 2.52 1.60
N TYR A 21 -1.49 2.89 0.39
CA TYR A 21 -1.06 2.19 -0.81
C TYR A 21 -1.01 3.14 -2.00
N TYR A 22 0.14 3.18 -2.67
CA TYR A 22 0.33 4.05 -3.83
C TYR A 22 0.16 3.26 -5.13
N ASN A 23 -0.46 3.90 -6.12
CA ASN A 23 -0.68 3.27 -7.41
C ASN A 23 -0.33 4.22 -8.55
N GLU A 24 0.03 3.66 -9.71
CA GLU A 24 0.38 4.47 -10.87
C GLU A 24 -0.87 4.83 -11.67
N GLU A 25 -0.68 5.07 -12.96
CA GLU A 25 -1.80 5.43 -13.84
C GLU A 25 -2.36 6.80 -13.46
N SER A 26 -1.67 7.50 -12.57
CA SER A 26 -2.11 8.81 -12.11
C SER A 26 -1.24 9.30 -10.96
N GLY A 27 -0.65 8.36 -10.23
CA GLY A 27 0.19 8.72 -9.10
C GLY A 27 -0.61 9.17 -7.89
N LYS A 28 -1.48 8.29 -7.40
CA LYS A 28 -2.30 8.59 -6.25
C LYS A 28 -2.12 7.55 -5.14
N CYS A 29 -2.57 7.87 -3.94
CA CYS A 29 -2.45 6.97 -2.80
C CYS A 29 -3.76 6.88 -2.04
N GLU A 30 -4.07 5.69 -1.54
CA GLU A 30 -5.30 5.47 -0.80
C GLU A 30 -5.01 4.78 0.53
N THR A 31 -6.07 4.53 1.31
CA THR A 31 -5.92 3.87 2.60
C THR A 31 -7.06 2.89 2.85
N PHE A 32 -6.71 1.71 3.36
CA PHE A 32 -7.70 0.67 3.64
C PHE A 32 -7.31 -0.12 4.89
N ILE A 33 -8.31 -0.71 5.54
CA ILE A 33 -8.08 -1.49 6.74
C ILE A 33 -7.63 -2.91 6.40
N TYR A 34 -6.41 -3.25 6.77
CA TYR A 34 -5.86 -4.58 6.49
C TYR A 34 -6.20 -5.54 7.63
N GLY A 35 -6.22 -6.84 7.31
CA GLY A 35 -6.52 -7.84 8.31
C GLY A 35 -5.44 -7.94 9.38
N GLY A 36 -5.16 -9.16 9.81
CA GLY A 36 -4.14 -9.38 10.82
C GLY A 36 -2.85 -9.91 10.24
N VAL A 37 -2.95 -10.59 9.11
CA VAL A 37 -1.78 -11.16 8.45
C VAL A 37 -1.04 -10.11 7.63
N GLY A 38 0.27 -10.28 7.49
CA GLY A 38 1.06 -9.35 6.73
C GLY A 38 0.58 -9.19 5.30
N GLY A 39 0.60 -7.96 4.79
CA GLY A 39 0.16 -7.72 3.44
C GLY A 39 1.31 -7.43 2.49
N ASN A 40 1.02 -7.44 1.20
CA ASN A 40 2.05 -7.18 0.19
C ASN A 40 2.65 -5.80 0.36
N SER A 41 3.44 -5.36 -0.62
CA SER A 41 4.08 -4.06 -0.57
C SER A 41 3.03 -2.94 -0.64
N ASN A 42 1.81 -3.30 -1.02
CA ASN A 42 0.73 -2.33 -1.12
C ASN A 42 0.61 -1.50 0.15
N ASN A 43 0.84 -2.15 1.29
CA ASN A 43 0.75 -1.46 2.58
C ASN A 43 2.14 -1.08 3.08
N PHE A 44 2.23 0.08 3.73
CA PHE A 44 3.49 0.58 4.26
C PHE A 44 3.38 0.91 5.74
N LEU A 45 2.16 0.76 6.27
CA LEU A 45 1.92 1.05 7.69
C LEU A 45 2.24 2.49 8.01
N THR A 46 2.47 3.29 6.97
CA THR A 46 2.80 4.70 7.14
C THR A 46 2.13 5.56 6.07
N LYS A 47 2.30 6.87 6.17
CA LYS A 47 1.72 7.80 5.22
C LYS A 47 2.71 8.13 4.10
N GLU A 48 3.75 8.88 4.46
CA GLU A 48 4.77 9.27 3.50
C GLU A 48 5.35 8.05 2.78
N ASP A 49 5.62 7.00 3.56
CA ASP A 49 6.18 5.77 3.01
C ASP A 49 5.36 5.29 1.82
N CYS A 50 4.06 5.60 1.83
CA CYS A 50 3.18 5.18 0.75
C CYS A 50 3.79 5.51 -0.61
N CYS A 51 4.21 6.75 -0.79
CA CYS A 51 4.82 7.19 -2.04
C CYS A 51 6.08 6.39 -2.34
N ARG A 52 6.84 6.09 -1.29
CA ARG A 52 8.08 5.34 -1.43
C ARG A 52 7.87 4.14 -2.36
N GLU A 53 6.71 3.51 -2.26
CA GLU A 53 6.39 2.36 -3.09
C GLU A 53 6.67 2.65 -4.57
N CYS A 54 6.21 3.79 -5.04
CA CYS A 54 6.41 4.19 -6.43
C CYS A 54 7.52 5.23 -6.53
N ALA A 55 8.02 5.68 -5.39
CA ALA A 55 9.09 6.66 -5.37
C ALA A 55 10.40 6.08 -5.89
N GLN A 56 10.43 4.76 -6.05
CA GLN A 56 11.62 4.08 -6.54
C GLN A 56 11.78 4.29 -8.04
N GLY A 57 10.67 4.55 -8.71
CA GLY A 57 10.72 4.76 -10.15
C GLY A 57 9.51 5.52 -10.66
N SER A 58 9.11 6.55 -9.92
CA SER A 58 7.95 7.35 -10.31
C SER A 58 7.80 8.56 -9.37
N CYS A 59 7.42 8.30 -8.13
CA CYS A 59 7.24 9.36 -7.14
C CYS A 59 8.59 9.87 -6.66
N LYS A 1 9.80 -3.39 -10.06
CA LYS A 1 9.24 -2.43 -9.12
C LYS A 1 7.71 -2.43 -9.18
N LYS A 2 7.12 -3.62 -9.05
CA LYS A 2 5.67 -3.76 -9.09
C LYS A 2 5.04 -3.26 -7.79
N LYS A 3 5.89 -2.93 -6.81
CA LYS A 3 5.41 -2.43 -5.53
C LYS A 3 4.64 -1.13 -5.69
N CYS A 4 4.88 -0.44 -6.81
CA CYS A 4 4.23 0.83 -7.08
C CYS A 4 2.71 0.64 -7.19
N GLN A 5 2.30 -0.58 -7.55
CA GLN A 5 0.89 -0.89 -7.70
C GLN A 5 0.59 -2.31 -7.21
N LEU A 6 -0.12 -2.41 -6.09
CA LEU A 6 -0.47 -3.70 -5.52
C LEU A 6 -1.98 -3.87 -5.43
N PRO A 7 -2.45 -5.10 -5.67
CA PRO A 7 -3.89 -5.42 -5.62
C PRO A 7 -4.44 -5.37 -4.19
N SER A 8 -5.68 -5.83 -4.03
CA SER A 8 -6.33 -5.84 -2.72
C SER A 8 -5.95 -7.09 -1.94
N ASP A 9 -5.47 -6.90 -0.71
CA ASP A 9 -5.09 -8.02 0.14
C ASP A 9 -5.25 -7.67 1.61
N VAL A 10 -6.33 -8.17 2.22
CA VAL A 10 -6.60 -7.91 3.63
C VAL A 10 -6.38 -9.16 4.47
N GLY A 11 -6.64 -10.32 3.88
CA GLY A 11 -6.47 -11.57 4.59
C GLY A 11 -7.21 -11.60 5.91
N LYS A 12 -6.80 -12.48 6.81
CA LYS A 12 -7.43 -12.61 8.13
C LYS A 12 -6.59 -11.90 9.19
N GLY A 13 -7.03 -12.02 10.44
CA GLY A 13 -6.31 -11.39 11.53
C GLY A 13 -7.24 -10.82 12.59
N LYS A 14 -6.67 -10.44 13.73
CA LYS A 14 -7.46 -9.89 14.82
C LYS A 14 -7.45 -8.36 14.77
N ALA A 15 -7.17 -7.81 13.60
CA ALA A 15 -7.13 -6.36 13.42
C ALA A 15 -8.05 -5.94 12.28
N SER A 16 -8.09 -4.64 12.02
CA SER A 16 -8.93 -4.09 10.97
C SER A 16 -8.69 -2.59 10.80
N PHE A 17 -7.45 -2.22 10.53
CA PHE A 17 -7.08 -0.82 10.34
C PHE A 17 -6.93 -0.48 8.87
N THR A 18 -6.69 0.79 8.58
CA THR A 18 -6.54 1.23 7.20
C THR A 18 -5.08 1.60 6.90
N ARG A 19 -4.58 1.12 5.76
CA ARG A 19 -3.21 1.40 5.36
C ARG A 19 -3.17 2.27 4.11
N TYR A 20 -1.97 2.54 3.62
CA TYR A 20 -1.78 3.37 2.43
C TYR A 20 -0.88 2.68 1.41
N TYR A 21 -1.38 2.54 0.19
CA TYR A 21 -0.62 1.90 -0.87
C TYR A 21 -0.58 2.77 -2.12
N TYR A 22 0.54 2.73 -2.83
CA TYR A 22 0.71 3.52 -4.04
C TYR A 22 -0.02 2.88 -5.22
N ASN A 23 -0.58 3.72 -6.08
CA ASN A 23 -1.31 3.23 -7.25
C ASN A 23 -1.03 4.10 -8.47
N GLU A 24 -1.12 3.51 -9.65
CA GLU A 24 -0.88 4.22 -10.90
C GLU A 24 -2.12 5.01 -11.34
N GLU A 25 -2.19 5.31 -12.62
CA GLU A 25 -3.33 6.06 -13.16
C GLU A 25 -3.35 7.48 -12.62
N SER A 26 -2.28 7.86 -11.93
CA SER A 26 -2.17 9.19 -11.35
C SER A 26 -0.90 9.33 -10.52
N GLY A 27 -0.43 8.21 -10.00
CA GLY A 27 0.78 8.22 -9.18
C GLY A 27 0.53 8.72 -7.77
N LYS A 28 -0.54 8.22 -7.16
CA LYS A 28 -0.89 8.62 -5.80
C LYS A 28 -1.09 7.41 -4.91
N CYS A 29 -1.26 7.64 -3.61
CA CYS A 29 -1.46 6.56 -2.65
C CYS A 29 -2.90 6.55 -2.16
N GLU A 30 -3.51 5.36 -2.16
CA GLU A 30 -4.88 5.19 -1.72
C GLU A 30 -4.95 4.51 -0.36
N THR A 31 -6.15 4.39 0.19
CA THR A 31 -6.35 3.75 1.48
C THR A 31 -7.00 2.38 1.32
N PHE A 32 -6.52 1.41 2.09
CA PHE A 32 -7.05 0.06 2.04
C PHE A 32 -7.21 -0.52 3.45
N ILE A 33 -8.01 -1.57 3.56
CA ILE A 33 -8.25 -2.22 4.84
C ILE A 33 -7.30 -3.38 5.06
N TYR A 34 -6.72 -3.46 6.25
CA TYR A 34 -5.78 -4.52 6.59
C TYR A 34 -6.07 -5.08 7.98
N GLY A 35 -5.98 -6.40 8.10
CA GLY A 35 -6.24 -7.04 9.38
C GLY A 35 -4.97 -7.56 10.03
N GLY A 36 -4.66 -8.83 9.81
CA GLY A 36 -3.47 -9.42 10.40
C GLY A 36 -2.39 -9.68 9.36
N VAL A 37 -2.71 -10.52 8.38
CA VAL A 37 -1.77 -10.87 7.32
C VAL A 37 -2.33 -10.52 5.95
N GLY A 38 -1.62 -9.65 5.23
CA GLY A 38 -2.06 -9.26 3.90
C GLY A 38 -0.97 -9.40 2.86
N GLY A 39 -1.34 -9.91 1.69
CA GLY A 39 -0.37 -10.09 0.63
C GLY A 39 -0.23 -8.85 -0.24
N ASN A 40 0.71 -7.98 0.11
CA ASN A 40 0.94 -6.76 -0.65
C ASN A 40 2.42 -6.35 -0.59
N SER A 41 2.71 -5.14 -1.02
CA SER A 41 4.07 -4.63 -1.03
C SER A 41 4.10 -3.14 -0.68
N ASN A 42 2.97 -2.62 -0.23
CA ASN A 42 2.87 -1.21 0.14
C ASN A 42 2.02 -1.04 1.40
N ASN A 43 1.84 -2.12 2.14
CA ASN A 43 1.05 -2.09 3.36
C ASN A 43 1.74 -1.25 4.44
N PHE A 44 1.25 -0.03 4.63
CA PHE A 44 1.82 0.87 5.63
C PHE A 44 0.78 1.89 6.11
N LEU A 45 0.58 1.94 7.42
CA LEU A 45 -0.39 2.87 7.99
C LEU A 45 0.03 4.31 7.77
N THR A 46 1.26 4.49 7.28
CA THR A 46 1.78 5.83 7.01
C THR A 46 3.17 5.76 6.38
N LYS A 47 3.97 6.79 6.61
CA LYS A 47 5.33 6.85 6.07
C LYS A 47 5.31 7.29 4.62
N GLU A 48 5.80 8.50 4.36
CA GLU A 48 5.84 9.04 3.01
C GLU A 48 6.53 8.08 2.06
N ASP A 49 7.29 7.15 2.62
CA ASP A 49 8.00 6.16 1.82
C ASP A 49 7.11 5.61 0.71
N CYS A 50 5.80 5.57 0.97
CA CYS A 50 4.85 5.06 0.00
C CYS A 50 5.14 5.63 -1.39
N CYS A 51 5.25 6.95 -1.47
CA CYS A 51 5.53 7.61 -2.74
C CYS A 51 6.88 7.18 -3.31
N ARG A 52 7.85 7.01 -2.42
CA ARG A 52 9.19 6.60 -2.83
C ARG A 52 9.14 5.28 -3.59
N GLU A 53 8.24 4.39 -3.18
CA GLU A 53 8.10 3.09 -3.81
C GLU A 53 7.96 3.25 -5.32
N CYS A 54 7.28 4.31 -5.74
CA CYS A 54 7.07 4.57 -7.16
C CYS A 54 7.83 5.82 -7.60
N ALA A 55 8.30 6.59 -6.63
CA ALA A 55 9.05 7.82 -6.91
C ALA A 55 10.24 7.54 -7.83
N GLN A 56 10.73 6.30 -7.79
CA GLN A 56 11.86 5.90 -8.60
C GLN A 56 11.50 5.89 -10.08
N GLY A 57 10.20 5.97 -10.36
CA GLY A 57 9.74 5.97 -11.74
C GLY A 57 9.20 7.32 -12.16
N SER A 58 8.65 8.07 -11.21
CA SER A 58 8.09 9.39 -11.49
C SER A 58 8.12 10.26 -10.25
N CYS A 59 7.25 9.94 -9.29
CA CYS A 59 7.18 10.69 -8.05
C CYS A 59 8.57 10.92 -7.45
#